data_2PA1
# 
_entry.id   2PA1 
# 
_audit_conform.dict_name       mmcif_pdbx.dic 
_audit_conform.dict_version    5.389 
_audit_conform.dict_location   http://mmcif.pdb.org/dictionaries/ascii/mmcif_pdbx.dic 
# 
loop_
_database_2.database_id 
_database_2.database_code 
_database_2.pdbx_database_accession 
_database_2.pdbx_DOI 
PDB   2PA1         pdb_00002pa1 10.2210/pdb2pa1/pdb 
RCSB  RCSB042154   ?            ?                   
WWPDB D_1000042154 ?            ?                   
# 
loop_
_pdbx_audit_revision_history.ordinal 
_pdbx_audit_revision_history.data_content_type 
_pdbx_audit_revision_history.major_revision 
_pdbx_audit_revision_history.minor_revision 
_pdbx_audit_revision_history.revision_date 
1 'Structure model' 1 0 2007-05-01 
2 'Structure model' 1 1 2008-05-01 
3 'Structure model' 1 2 2011-07-13 
4 'Structure model' 1 3 2017-10-18 
5 'Structure model' 1 4 2021-06-23 
6 'Structure model' 1 5 2024-02-21 
7 'Structure model' 1 6 2024-04-03 
# 
_pdbx_audit_revision_details.ordinal             1 
_pdbx_audit_revision_details.revision_ordinal    1 
_pdbx_audit_revision_details.data_content_type   'Structure model' 
_pdbx_audit_revision_details.provider            repository 
_pdbx_audit_revision_details.type                'Initial release' 
_pdbx_audit_revision_details.description         ? 
_pdbx_audit_revision_details.details             ? 
# 
loop_
_pdbx_audit_revision_group.ordinal 
_pdbx_audit_revision_group.revision_ordinal 
_pdbx_audit_revision_group.data_content_type 
_pdbx_audit_revision_group.group 
1 2 'Structure model' 'Version format compliance' 
2 3 'Structure model' Advisory                    
3 3 'Structure model' 'Version format compliance' 
4 4 'Structure model' 'Refinement description'    
5 5 'Structure model' 'Database references'       
6 5 'Structure model' 'Derived calculations'      
7 6 'Structure model' 'Data collection'           
8 6 'Structure model' 'Database references'       
9 7 'Structure model' 'Refinement description'    
# 
loop_
_pdbx_audit_revision_category.ordinal 
_pdbx_audit_revision_category.revision_ordinal 
_pdbx_audit_revision_category.data_content_type 
_pdbx_audit_revision_category.category 
1 4 'Structure model' software                      
2 5 'Structure model' citation                      
3 5 'Structure model' citation_author               
4 5 'Structure model' struct_ref_seq_dif            
5 5 'Structure model' struct_site                   
6 6 'Structure model' chem_comp_atom                
7 6 'Structure model' chem_comp_bond                
8 6 'Structure model' database_2                    
9 7 'Structure model' pdbx_initial_refinement_model 
# 
loop_
_pdbx_audit_revision_item.ordinal 
_pdbx_audit_revision_item.revision_ordinal 
_pdbx_audit_revision_item.data_content_type 
_pdbx_audit_revision_item.item 
1  4 'Structure model' '_software.name'                      
2  5 'Structure model' '_citation.country'                   
3  5 'Structure model' '_citation.journal_abbrev'            
4  5 'Structure model' '_citation.journal_id_ASTM'           
5  5 'Structure model' '_citation.journal_id_CSD'            
6  5 'Structure model' '_citation.journal_id_ISSN'           
7  5 'Structure model' '_citation.journal_volume'            
8  5 'Structure model' '_citation.page_first'                
9  5 'Structure model' '_citation.page_last'                 
10 5 'Structure model' '_citation.pdbx_database_id_DOI'      
11 5 'Structure model' '_citation.pdbx_database_id_PubMed'   
12 5 'Structure model' '_citation.title'                     
13 5 'Structure model' '_citation.year'                      
14 5 'Structure model' '_struct_ref_seq_dif.details'         
15 5 'Structure model' '_struct_site.pdbx_auth_asym_id'      
16 5 'Structure model' '_struct_site.pdbx_auth_comp_id'      
17 5 'Structure model' '_struct_site.pdbx_auth_seq_id'       
18 6 'Structure model' '_database_2.pdbx_DOI'                
19 6 'Structure model' '_database_2.pdbx_database_accession' 
# 
_pdbx_database_status.entry_id                        2PA1 
_pdbx_database_status.deposit_site                    RCSB 
_pdbx_database_status.process_site                    RCSB 
_pdbx_database_status.recvd_initial_deposition_date   2007-03-27 
_pdbx_database_status.status_code                     REL 
_pdbx_database_status.status_code_sf                  REL 
_pdbx_database_status.status_code_mr                  ? 
_pdbx_database_status.SG_entry                        Y 
_pdbx_database_status.pdb_format_compatible           Y 
_pdbx_database_status.status_code_cs                  ? 
_pdbx_database_status.methods_development_category    ? 
_pdbx_database_status.status_code_nmr_data            ? 
# 
loop_
_audit_author.name 
_audit_author.pdbx_ordinal 
'Uppenberg, J.'                        1  
'Shrestha, L.'                         2  
'Elkins, J.'                           3  
'Burgess-Brown, N.'                    4  
'Salah, E.'                            5  
'Bunkoczi, G.'                         6  
'Papagrigoriou, E.'                    7  
'Pike, A.C.W.'                         8  
'Turnbull, A.P.'                       9  
'Ugochukwu, E.'                        10 
'Umeano, C.'                           11 
'von Delft, F.'                        12 
'Weigelt, J.'                          13 
'Arrowsmith, C.H.'                     14 
'Edwards, A.'                          15 
'Sundstrom, M.'                        16 
'Doyle, D.A.'                          17 
'Structural Genomics Consortium (SGC)' 18 
# 
_citation.id                        primary 
_citation.title                     'Unusual binding interactions in PDZ domain crystal structures help explain binding mechanisms' 
_citation.journal_abbrev            'Protein Sci.' 
_citation.journal_volume            19 
_citation.page_first                731 
_citation.page_last                 741 
_citation.year                      2010 
_citation.journal_id_ASTM           PRCIEI 
_citation.country                   US 
_citation.journal_id_ISSN           1469-896X 
_citation.journal_id_CSD            0795 
_citation.book_publisher            ? 
_citation.pdbx_database_id_PubMed   20120020 
_citation.pdbx_database_id_DOI      10.1002/pro.349 
# 
loop_
_citation_author.citation_id 
_citation_author.name 
_citation_author.ordinal 
_citation_author.identifier_ORCID 
primary 'Elkins, J.M.' 1 ? 
primary 'Gileadi, C.'  2 ? 
primary 'Shrestha, L.' 3 ? 
primary 'Phillips, C.' 4 ? 
primary 'Wang, J.'     5 ? 
primary 'Muniz, J.R.'  6 ? 
primary 'Doyle, D.A.'  7 ? 
# 
loop_
_entity.id 
_entity.type 
_entity.src_method 
_entity.pdbx_description 
_entity.formula_weight 
_entity.pdbx_number_of_molecules 
_entity.pdbx_ec 
_entity.pdbx_mutation 
_entity.pdbx_fragment 
_entity.details 
1 polymer     man 'PDZ and LIM domain protein 2' 9348.724 1  ? ? ? ? 
2 non-polymer syn 'CHLORIDE ION'                 35.453   2  ? ? ? ? 
3 water       nat water                          18.015   89 ? ? ? ? 
# 
_entity_name_com.entity_id   1 
_entity_name_com.name        'PDZ-LIM protein mystique, PDZ-LIM protein' 
# 
_entity_poly.entity_id                      1 
_entity_poly.type                           'polypeptide(L)' 
_entity_poly.nstd_linkage                   no 
_entity_poly.nstd_monomer                   no 
_entity_poly.pdbx_seq_one_letter_code       
;SMALTVDVAGPAPWGFRITGGRDFHTPIMVTKVAERGKAKDADLRPGDIIVAINGESAEGMLHAEAQSKIRQSPSPLRLQ
LDRITSL
;
_entity_poly.pdbx_seq_one_letter_code_can   
;SMALTVDVAGPAPWGFRITGGRDFHTPIMVTKVAERGKAKDADLRPGDIIVAINGESAEGMLHAEAQSKIRQSPSPLRLQ
LDRITSL
;
_entity_poly.pdbx_strand_id                 A 
_entity_poly.pdbx_target_identifier         ? 
# 
loop_
_pdbx_entity_nonpoly.entity_id 
_pdbx_entity_nonpoly.name 
_pdbx_entity_nonpoly.comp_id 
2 'CHLORIDE ION' CL  
3 water          HOH 
# 
loop_
_entity_poly_seq.entity_id 
_entity_poly_seq.num 
_entity_poly_seq.mon_id 
_entity_poly_seq.hetero 
1 1  SER n 
1 2  MET n 
1 3  ALA n 
1 4  LEU n 
1 5  THR n 
1 6  VAL n 
1 7  ASP n 
1 8  VAL n 
1 9  ALA n 
1 10 GLY n 
1 11 PRO n 
1 12 ALA n 
1 13 PRO n 
1 14 TRP n 
1 15 GLY n 
1 16 PHE n 
1 17 ARG n 
1 18 ILE n 
1 19 THR n 
1 20 GLY n 
1 21 GLY n 
1 22 ARG n 
1 23 ASP n 
1 24 PHE n 
1 25 HIS n 
1 26 THR n 
1 27 PRO n 
1 28 ILE n 
1 29 MET n 
1 30 VAL n 
1 31 THR n 
1 32 LYS n 
1 33 VAL n 
1 34 ALA n 
1 35 GLU n 
1 36 ARG n 
1 37 GLY n 
1 38 LYS n 
1 39 ALA n 
1 40 LYS n 
1 41 ASP n 
1 42 ALA n 
1 43 ASP n 
1 44 LEU n 
1 45 ARG n 
1 46 PRO n 
1 47 GLY n 
1 48 ASP n 
1 49 ILE n 
1 50 ILE n 
1 51 VAL n 
1 52 ALA n 
1 53 ILE n 
1 54 ASN n 
1 55 GLY n 
1 56 GLU n 
1 57 SER n 
1 58 ALA n 
1 59 GLU n 
1 60 GLY n 
1 61 MET n 
1 62 LEU n 
1 63 HIS n 
1 64 ALA n 
1 65 GLU n 
1 66 ALA n 
1 67 GLN n 
1 68 SER n 
1 69 LYS n 
1 70 ILE n 
1 71 ARG n 
1 72 GLN n 
1 73 SER n 
1 74 PRO n 
1 75 SER n 
1 76 PRO n 
1 77 LEU n 
1 78 ARG n 
1 79 LEU n 
1 80 GLN n 
1 81 LEU n 
1 82 ASP n 
1 83 ARG n 
1 84 ILE n 
1 85 THR n 
1 86 SER n 
1 87 LEU n 
# 
_entity_src_gen.entity_id                          1 
_entity_src_gen.pdbx_src_id                        1 
_entity_src_gen.pdbx_alt_source_flag               sample 
_entity_src_gen.pdbx_seq_type                      ? 
_entity_src_gen.pdbx_beg_seq_num                   ? 
_entity_src_gen.pdbx_end_seq_num                   ? 
_entity_src_gen.gene_src_common_name               human 
_entity_src_gen.gene_src_genus                     Homo 
_entity_src_gen.pdbx_gene_src_gene                 'PDLIM2, PP6345' 
_entity_src_gen.gene_src_species                   ? 
_entity_src_gen.gene_src_strain                    ? 
_entity_src_gen.gene_src_tissue                    ? 
_entity_src_gen.gene_src_tissue_fraction           ? 
_entity_src_gen.gene_src_details                   ? 
_entity_src_gen.pdbx_gene_src_fragment             ? 
_entity_src_gen.pdbx_gene_src_scientific_name      'Homo sapiens' 
_entity_src_gen.pdbx_gene_src_ncbi_taxonomy_id     9606 
_entity_src_gen.pdbx_gene_src_variant              ? 
_entity_src_gen.pdbx_gene_src_cell_line            ? 
_entity_src_gen.pdbx_gene_src_atcc                 ? 
_entity_src_gen.pdbx_gene_src_organ                ? 
_entity_src_gen.pdbx_gene_src_organelle            ? 
_entity_src_gen.pdbx_gene_src_cell                 ? 
_entity_src_gen.pdbx_gene_src_cellular_location    ? 
_entity_src_gen.host_org_common_name               ? 
_entity_src_gen.pdbx_host_org_scientific_name      'Escherichia coli BL21(DE3)' 
_entity_src_gen.pdbx_host_org_ncbi_taxonomy_id     469008 
_entity_src_gen.host_org_genus                     Escherichia 
_entity_src_gen.pdbx_host_org_gene                 ? 
_entity_src_gen.pdbx_host_org_organ                ? 
_entity_src_gen.host_org_species                   'Escherichia coli' 
_entity_src_gen.pdbx_host_org_tissue               ? 
_entity_src_gen.pdbx_host_org_tissue_fraction      ? 
_entity_src_gen.pdbx_host_org_strain               'BL21(DE3)' 
_entity_src_gen.pdbx_host_org_variant              ? 
_entity_src_gen.pdbx_host_org_cell_line            ? 
_entity_src_gen.pdbx_host_org_atcc                 ? 
_entity_src_gen.pdbx_host_org_culture_collection   ? 
_entity_src_gen.pdbx_host_org_cell                 ? 
_entity_src_gen.pdbx_host_org_organelle            ? 
_entity_src_gen.pdbx_host_org_cellular_location    ? 
_entity_src_gen.pdbx_host_org_vector_type          Plasmid 
_entity_src_gen.pdbx_host_org_vector               ? 
_entity_src_gen.host_org_details                   ? 
_entity_src_gen.expression_system_id               ? 
_entity_src_gen.plasmid_name                       pNIC28-BSA4 
_entity_src_gen.plasmid_details                    ? 
_entity_src_gen.pdbx_description                   ? 
# 
loop_
_chem_comp.id 
_chem_comp.type 
_chem_comp.mon_nstd_flag 
_chem_comp.name 
_chem_comp.pdbx_synonyms 
_chem_comp.formula 
_chem_comp.formula_weight 
ALA 'L-peptide linking' y ALANINE         ? 'C3 H7 N O2'     89.093  
ARG 'L-peptide linking' y ARGININE        ? 'C6 H15 N4 O2 1' 175.209 
ASN 'L-peptide linking' y ASPARAGINE      ? 'C4 H8 N2 O3'    132.118 
ASP 'L-peptide linking' y 'ASPARTIC ACID' ? 'C4 H7 N O4'     133.103 
CL  non-polymer         . 'CHLORIDE ION'  ? 'Cl -1'          35.453  
GLN 'L-peptide linking' y GLUTAMINE       ? 'C5 H10 N2 O3'   146.144 
GLU 'L-peptide linking' y 'GLUTAMIC ACID' ? 'C5 H9 N O4'     147.129 
GLY 'peptide linking'   y GLYCINE         ? 'C2 H5 N O2'     75.067  
HIS 'L-peptide linking' y HISTIDINE       ? 'C6 H10 N3 O2 1' 156.162 
HOH non-polymer         . WATER           ? 'H2 O'           18.015  
ILE 'L-peptide linking' y ISOLEUCINE      ? 'C6 H13 N O2'    131.173 
LEU 'L-peptide linking' y LEUCINE         ? 'C6 H13 N O2'    131.173 
LYS 'L-peptide linking' y LYSINE          ? 'C6 H15 N2 O2 1' 147.195 
MET 'L-peptide linking' y METHIONINE      ? 'C5 H11 N O2 S'  149.211 
PHE 'L-peptide linking' y PHENYLALANINE   ? 'C9 H11 N O2'    165.189 
PRO 'L-peptide linking' y PROLINE         ? 'C5 H9 N O2'     115.130 
SER 'L-peptide linking' y SERINE          ? 'C3 H7 N O3'     105.093 
THR 'L-peptide linking' y THREONINE       ? 'C4 H9 N O3'     119.119 
TRP 'L-peptide linking' y TRYPTOPHAN      ? 'C11 H12 N2 O2'  204.225 
VAL 'L-peptide linking' y VALINE          ? 'C5 H11 N O2'    117.146 
# 
loop_
_pdbx_poly_seq_scheme.asym_id 
_pdbx_poly_seq_scheme.entity_id 
_pdbx_poly_seq_scheme.seq_id 
_pdbx_poly_seq_scheme.mon_id 
_pdbx_poly_seq_scheme.ndb_seq_num 
_pdbx_poly_seq_scheme.pdb_seq_num 
_pdbx_poly_seq_scheme.auth_seq_num 
_pdbx_poly_seq_scheme.pdb_mon_id 
_pdbx_poly_seq_scheme.auth_mon_id 
_pdbx_poly_seq_scheme.pdb_strand_id 
_pdbx_poly_seq_scheme.pdb_ins_code 
_pdbx_poly_seq_scheme.hetero 
A 1 1  SER 1  0  0  SER SER A . n 
A 1 2  MET 2  1  1  MET MET A . n 
A 1 3  ALA 3  2  2  ALA ALA A . n 
A 1 4  LEU 4  3  3  LEU LEU A . n 
A 1 5  THR 5  4  4  THR THR A . n 
A 1 6  VAL 6  5  5  VAL VAL A . n 
A 1 7  ASP 7  6  6  ASP ASP A . n 
A 1 8  VAL 8  7  7  VAL VAL A . n 
A 1 9  ALA 9  8  8  ALA ALA A . n 
A 1 10 GLY 10 9  9  GLY GLY A . n 
A 1 11 PRO 11 10 10 PRO PRO A . n 
A 1 12 ALA 12 11 11 ALA ALA A . n 
A 1 13 PRO 13 12 12 PRO PRO A . n 
A 1 14 TRP 14 13 13 TRP TRP A . n 
A 1 15 GLY 15 14 14 GLY GLY A . n 
A 1 16 PHE 16 15 15 PHE PHE A . n 
A 1 17 ARG 17 16 16 ARG ARG A . n 
A 1 18 ILE 18 17 17 ILE ILE A . n 
A 1 19 THR 19 18 18 THR THR A . n 
A 1 20 GLY 20 19 19 GLY GLY A . n 
A 1 21 GLY 21 20 20 GLY GLY A . n 
A 1 22 ARG 22 21 21 ARG ARG A . n 
A 1 23 ASP 23 22 22 ASP ASP A . n 
A 1 24 PHE 24 23 23 PHE PHE A . n 
A 1 25 HIS 25 24 24 HIS HIS A . n 
A 1 26 THR 26 25 25 THR THR A . n 
A 1 27 PRO 27 26 26 PRO PRO A . n 
A 1 28 ILE 28 27 27 ILE ILE A . n 
A 1 29 MET 29 28 28 MET MET A . n 
A 1 30 VAL 30 29 29 VAL VAL A . n 
A 1 31 THR 31 30 30 THR THR A . n 
A 1 32 LYS 32 31 31 LYS LYS A . n 
A 1 33 VAL 33 32 32 VAL VAL A . n 
A 1 34 ALA 34 33 33 ALA ALA A . n 
A 1 35 GLU 35 34 34 GLU GLU A . n 
A 1 36 ARG 36 35 35 ARG ARG A . n 
A 1 37 GLY 37 36 36 GLY GLY A . n 
A 1 38 LYS 38 37 37 LYS LYS A . n 
A 1 39 ALA 39 38 38 ALA ALA A . n 
A 1 40 LYS 40 39 39 LYS LYS A . n 
A 1 41 ASP 41 40 40 ASP ASP A . n 
A 1 42 ALA 42 41 41 ALA ALA A . n 
A 1 43 ASP 43 42 42 ASP ASP A . n 
A 1 44 LEU 44 43 43 LEU LEU A . n 
A 1 45 ARG 45 44 44 ARG ARG A . n 
A 1 46 PRO 46 45 45 PRO PRO A . n 
A 1 47 GLY 47 46 46 GLY GLY A . n 
A 1 48 ASP 48 47 47 ASP ASP A . n 
A 1 49 ILE 49 48 48 ILE ILE A . n 
A 1 50 ILE 50 49 49 ILE ILE A . n 
A 1 51 VAL 51 50 50 VAL VAL A . n 
A 1 52 ALA 52 51 51 ALA ALA A . n 
A 1 53 ILE 53 52 52 ILE ILE A . n 
A 1 54 ASN 54 53 53 ASN ASN A . n 
A 1 55 GLY 55 54 54 GLY GLY A . n 
A 1 56 GLU 56 55 55 GLU GLU A . n 
A 1 57 SER 57 56 56 SER SER A . n 
A 1 58 ALA 58 57 57 ALA ALA A . n 
A 1 59 GLU 59 58 58 GLU GLU A . n 
A 1 60 GLY 60 59 59 GLY GLY A . n 
A 1 61 MET 61 60 60 MET MET A . n 
A 1 62 LEU 62 61 61 LEU LEU A . n 
A 1 63 HIS 63 62 62 HIS HIS A . n 
A 1 64 ALA 64 63 63 ALA ALA A . n 
A 1 65 GLU 65 64 64 GLU GLU A . n 
A 1 66 ALA 66 65 65 ALA ALA A . n 
A 1 67 GLN 67 66 66 GLN GLN A . n 
A 1 68 SER 68 67 67 SER SER A . n 
A 1 69 LYS 69 68 68 LYS LYS A . n 
A 1 70 ILE 70 69 69 ILE ILE A . n 
A 1 71 ARG 71 70 70 ARG ARG A . n 
A 1 72 GLN 72 71 71 GLN GLN A . n 
A 1 73 SER 73 72 72 SER SER A . n 
A 1 74 PRO 74 73 73 PRO PRO A . n 
A 1 75 SER 75 74 74 SER SER A . n 
A 1 76 PRO 76 75 75 PRO PRO A . n 
A 1 77 LEU 77 76 76 LEU LEU A . n 
A 1 78 ARG 78 77 77 ARG ARG A . n 
A 1 79 LEU 79 78 78 LEU LEU A . n 
A 1 80 GLN 80 79 79 GLN GLN A . n 
A 1 81 LEU 81 80 80 LEU LEU A . n 
A 1 82 ASP 82 81 81 ASP ASP A . n 
A 1 83 ARG 83 82 82 ARG ARG A . n 
A 1 84 ILE 84 83 83 ILE ILE A . n 
A 1 85 THR 85 84 84 THR THR A . n 
A 1 86 SER 86 85 85 SER SER A . n 
A 1 87 LEU 87 86 86 LEU LEU A . n 
# 
loop_
_pdbx_nonpoly_scheme.asym_id 
_pdbx_nonpoly_scheme.entity_id 
_pdbx_nonpoly_scheme.mon_id 
_pdbx_nonpoly_scheme.ndb_seq_num 
_pdbx_nonpoly_scheme.pdb_seq_num 
_pdbx_nonpoly_scheme.auth_seq_num 
_pdbx_nonpoly_scheme.pdb_mon_id 
_pdbx_nonpoly_scheme.auth_mon_id 
_pdbx_nonpoly_scheme.pdb_strand_id 
_pdbx_nonpoly_scheme.pdb_ins_code 
B 2 CL  1  201 201 CL  CL  A . 
C 2 CL  1  202 202 CL  CL  A . 
D 3 HOH 1  203 2   HOH HOH A . 
D 3 HOH 2  204 3   HOH HOH A . 
D 3 HOH 3  205 4   HOH HOH A . 
D 3 HOH 4  206 5   HOH HOH A . 
D 3 HOH 5  207 7   HOH HOH A . 
D 3 HOH 6  208 8   HOH HOH A . 
D 3 HOH 7  209 9   HOH HOH A . 
D 3 HOH 8  210 10  HOH HOH A . 
D 3 HOH 9  211 11  HOH HOH A . 
D 3 HOH 10 212 12  HOH HOH A . 
D 3 HOH 11 213 13  HOH HOH A . 
D 3 HOH 12 214 14  HOH HOH A . 
D 3 HOH 13 215 15  HOH HOH A . 
D 3 HOH 14 216 16  HOH HOH A . 
D 3 HOH 15 217 17  HOH HOH A . 
D 3 HOH 16 218 18  HOH HOH A . 
D 3 HOH 17 219 19  HOH HOH A . 
D 3 HOH 18 220 20  HOH HOH A . 
D 3 HOH 19 221 21  HOH HOH A . 
D 3 HOH 20 222 22  HOH HOH A . 
D 3 HOH 21 223 23  HOH HOH A . 
D 3 HOH 22 224 24  HOH HOH A . 
D 3 HOH 23 225 25  HOH HOH A . 
D 3 HOH 24 226 26  HOH HOH A . 
D 3 HOH 25 227 27  HOH HOH A . 
D 3 HOH 26 228 28  HOH HOH A . 
D 3 HOH 27 229 33  HOH HOH A . 
D 3 HOH 28 230 35  HOH HOH A . 
D 3 HOH 29 231 37  HOH HOH A . 
D 3 HOH 30 232 38  HOH HOH A . 
D 3 HOH 31 233 39  HOH HOH A . 
D 3 HOH 32 234 40  HOH HOH A . 
D 3 HOH 33 235 42  HOH HOH A . 
D 3 HOH 34 236 43  HOH HOH A . 
D 3 HOH 35 237 44  HOH HOH A . 
D 3 HOH 36 238 45  HOH HOH A . 
D 3 HOH 37 239 46  HOH HOH A . 
D 3 HOH 38 240 47  HOH HOH A . 
D 3 HOH 39 241 48  HOH HOH A . 
D 3 HOH 40 242 50  HOH HOH A . 
D 3 HOH 41 243 51  HOH HOH A . 
D 3 HOH 42 244 52  HOH HOH A . 
D 3 HOH 43 245 54  HOH HOH A . 
D 3 HOH 44 246 55  HOH HOH A . 
D 3 HOH 45 247 56  HOH HOH A . 
D 3 HOH 46 248 57  HOH HOH A . 
D 3 HOH 47 249 58  HOH HOH A . 
D 3 HOH 48 250 59  HOH HOH A . 
D 3 HOH 49 251 60  HOH HOH A . 
D 3 HOH 50 252 61  HOH HOH A . 
D 3 HOH 51 253 62  HOH HOH A . 
D 3 HOH 52 254 63  HOH HOH A . 
D 3 HOH 53 255 64  HOH HOH A . 
D 3 HOH 54 256 65  HOH HOH A . 
D 3 HOH 55 257 67  HOH HOH A . 
D 3 HOH 56 258 70  HOH HOH A . 
D 3 HOH 57 259 71  HOH HOH A . 
D 3 HOH 58 260 72  HOH HOH A . 
D 3 HOH 59 261 73  HOH HOH A . 
D 3 HOH 60 262 75  HOH HOH A . 
D 3 HOH 61 263 76  HOH HOH A . 
D 3 HOH 62 264 78  HOH HOH A . 
D 3 HOH 63 265 80  HOH HOH A . 
D 3 HOH 64 266 82  HOH HOH A . 
D 3 HOH 65 267 84  HOH HOH A . 
D 3 HOH 66 268 85  HOH HOH A . 
D 3 HOH 67 269 87  HOH HOH A . 
D 3 HOH 68 270 88  HOH HOH A . 
D 3 HOH 69 271 89  HOH HOH A . 
D 3 HOH 70 272 90  HOH HOH A . 
D 3 HOH 71 273 91  HOH HOH A . 
D 3 HOH 72 274 92  HOH HOH A . 
D 3 HOH 73 275 93  HOH HOH A . 
D 3 HOH 74 276 95  HOH HOH A . 
D 3 HOH 75 277 96  HOH HOH A . 
D 3 HOH 76 278 97  HOH HOH A . 
D 3 HOH 77 279 98  HOH HOH A . 
D 3 HOH 78 280 99  HOH HOH A . 
D 3 HOH 79 281 101 HOH HOH A . 
D 3 HOH 80 282 102 HOH HOH A . 
D 3 HOH 81 283 103 HOH HOH A . 
D 3 HOH 82 284 105 HOH HOH A . 
D 3 HOH 83 285 106 HOH HOH A . 
D 3 HOH 84 286 109 HOH HOH A . 
D 3 HOH 85 287 113 HOH HOH A . 
D 3 HOH 86 288 117 HOH HOH A . 
D 3 HOH 87 289 118 HOH HOH A . 
D 3 HOH 88 290 119 HOH HOH A . 
D 3 HOH 89 291 120 HOH HOH A . 
# 
loop_
_pdbx_unobs_or_zero_occ_atoms.id 
_pdbx_unobs_or_zero_occ_atoms.PDB_model_num 
_pdbx_unobs_or_zero_occ_atoms.polymer_flag 
_pdbx_unobs_or_zero_occ_atoms.occupancy_flag 
_pdbx_unobs_or_zero_occ_atoms.auth_asym_id 
_pdbx_unobs_or_zero_occ_atoms.auth_comp_id 
_pdbx_unobs_or_zero_occ_atoms.auth_seq_id 
_pdbx_unobs_or_zero_occ_atoms.PDB_ins_code 
_pdbx_unobs_or_zero_occ_atoms.auth_atom_id 
_pdbx_unobs_or_zero_occ_atoms.label_alt_id 
_pdbx_unobs_or_zero_occ_atoms.label_asym_id 
_pdbx_unobs_or_zero_occ_atoms.label_comp_id 
_pdbx_unobs_or_zero_occ_atoms.label_seq_id 
_pdbx_unobs_or_zero_occ_atoms.label_atom_id 
1  1 Y 1 A LYS 31 ? CD  ? A LYS 32 CD  
2  1 Y 1 A LYS 31 ? CE  ? A LYS 32 CE  
3  1 Y 1 A LYS 31 ? NZ  ? A LYS 32 NZ  
4  1 Y 1 A GLU 34 ? CG  ? A GLU 35 CG  
5  1 Y 1 A GLU 34 ? CD  ? A GLU 35 CD  
6  1 Y 1 A GLU 34 ? OE1 ? A GLU 35 OE1 
7  1 Y 1 A GLU 34 ? OE2 ? A GLU 35 OE2 
8  1 Y 1 A ARG 35 ? CG  ? A ARG 36 CG  
9  1 Y 1 A ARG 35 ? CD  ? A ARG 36 CD  
10 1 Y 1 A ARG 35 ? NE  ? A ARG 36 NE  
11 1 Y 1 A ARG 35 ? CZ  ? A ARG 36 CZ  
12 1 Y 1 A ARG 35 ? NH1 ? A ARG 36 NH1 
13 1 Y 1 A ARG 35 ? NH2 ? A ARG 36 NH2 
14 1 Y 1 A LYS 39 ? CE  ? A LYS 40 CE  
15 1 Y 1 A LYS 39 ? NZ  ? A LYS 40 NZ  
16 1 Y 1 A ILE 83 ? CD1 ? A ILE 84 CD1 
# 
loop_
_software.name 
_software.version 
_software.date 
_software.type 
_software.contact_author 
_software.contact_author_email 
_software.classification 
_software.location 
_software.language 
_software.citation_id 
_software.pdbx_ordinal 
PHASER      .     ?                other   'R. J. Read'      cimr-phaser@lists.cam.ac.uk phasing           
http://www-structmed.cimr.cam.ac.uk/phaser/ ?          ? 1 
REFMAC      .     ?                program 'Murshudov, G.N.' ccp4@dl.ac.uk               refinement        
http://www.ccp4.ac.uk/main.html             Fortran_77 ? 2 
PDB_EXTRACT 2.000 'April. 3, 2006' package PDB               sw-help@rcsb.rutgers.edu    'data extraction' 
http://pdb.rutgers.edu/software/            C++        ? 3 
MAR345      CCD   ?                ?       ?                 ?                           'data collection' ? ?          ? 4 
XDS         .     ?                ?       ?                 ?                           'data reduction'  ? ?          ? 5 
XDS         .     ?                ?       ?                 ?                           'data scaling'    ? ?          ? 6 
# 
_cell.length_a           58.770 
_cell.length_b           58.770 
_cell.length_c           52.340 
_cell.angle_alpha        90.000 
_cell.angle_beta         90.000 
_cell.angle_gamma        120.000 
_cell.entry_id           2PA1 
_cell.pdbx_unique_axis   ? 
_cell.Z_PDB              6 
_cell.length_a_esd       ? 
_cell.length_b_esd       ? 
_cell.length_c_esd       ? 
_cell.angle_alpha_esd    ? 
_cell.angle_beta_esd     ? 
_cell.angle_gamma_esd    ? 
# 
_symmetry.space_group_name_H-M             'P 61' 
_symmetry.entry_id                         2PA1 
_symmetry.pdbx_full_space_group_name_H-M   ? 
_symmetry.Int_Tables_number                169 
_symmetry.cell_setting                     ? 
_symmetry.space_group_name_Hall            ? 
# 
_exptl.crystals_number   1 
_exptl.entry_id          2PA1 
_exptl.method            'X-RAY DIFFRACTION' 
# 
_exptl_crystal.id                    1 
_exptl_crystal.density_Matthews      2.79 
_exptl_crystal.density_meas          ? 
_exptl_crystal.density_percent_sol   55.90 
_exptl_crystal.description           ? 
_exptl_crystal.F_000                 ? 
_exptl_crystal.preparation           ? 
# 
_exptl_crystal_grow.crystal_id      1 
_exptl_crystal_grow.method          'VAPOR DIFFUSION, SITTING DROP' 
_exptl_crystal_grow.pH              4.6 
_exptl_crystal_grow.temp            294 
_exptl_crystal_grow.temp_details    ? 
_exptl_crystal_grow.pdbx_details    
'30 % PEG Monomethylether 2000, 0.2M Ammonium sulfate, 0.1 M Sodium acetate, pH 4.6, VAPOR DIFFUSION, SITTING DROP, temperature 294K' 
_exptl_crystal_grow.pdbx_pH_range   . 
# 
_diffrn.id                     1 
_diffrn.ambient_temp           100 
_diffrn.ambient_temp_details   ? 
_diffrn.crystal_id             1 
# 
_diffrn_detector.diffrn_id              1 
_diffrn_detector.detector               CCD 
_diffrn_detector.type                   'MARMOSAIC 225 mm CCD' 
_diffrn_detector.pdbx_collection_date   2007-03-03 
_diffrn_detector.details                ? 
# 
_diffrn_radiation.diffrn_id                        1 
_diffrn_radiation.wavelength_id                    1 
_diffrn_radiation.pdbx_diffrn_protocol             'SINGLE WAVELENGTH' 
_diffrn_radiation.monochromator                    'SI(111)' 
_diffrn_radiation.pdbx_monochromatic_or_laue_m_l   M 
_diffrn_radiation.pdbx_scattering_type             x-ray 
# 
_diffrn_radiation_wavelength.id           1 
_diffrn_radiation_wavelength.wavelength   0.95400 
_diffrn_radiation_wavelength.wt           1.0 
# 
_diffrn_source.diffrn_id                   1 
_diffrn_source.source                      SYNCHROTRON 
_diffrn_source.type                        'SLS BEAMLINE X10SA' 
_diffrn_source.pdbx_wavelength             ? 
_diffrn_source.pdbx_wavelength_list        0.95400 
_diffrn_source.pdbx_synchrotron_site       SLS 
_diffrn_source.pdbx_synchrotron_beamline   X10SA 
# 
_reflns.entry_id                     2PA1 
_reflns.observed_criterion_sigma_F   0 
_reflns.observed_criterion_sigma_I   0 
_reflns.d_resolution_high            1.7 
_reflns.d_resolution_low             50 
_reflns.number_all                   11401 
_reflns.number_obs                   11401 
_reflns.percent_possible_obs         99.7 
_reflns.pdbx_Rmerge_I_obs            0.056 
_reflns.pdbx_Rsym_value              ? 
_reflns.pdbx_netI_over_sigmaI        18.1 
_reflns.B_iso_Wilson_estimate        31.4 
_reflns.pdbx_redundancy              6.2 
_reflns.R_free_details               ? 
_reflns.limit_h_max                  ? 
_reflns.limit_h_min                  ? 
_reflns.limit_k_max                  ? 
_reflns.limit_k_min                  ? 
_reflns.limit_l_max                  ? 
_reflns.limit_l_min                  ? 
_reflns.observed_criterion_F_max     ? 
_reflns.observed_criterion_F_min     ? 
_reflns.pdbx_chi_squared             ? 
_reflns.pdbx_scaling_rejects         ? 
_reflns.pdbx_ordinal                 1 
_reflns.pdbx_diffrn_id               1 
# 
_reflns_shell.d_res_high             1.7 
_reflns_shell.d_res_low              1.8 
_reflns_shell.percent_possible_obs   ? 
_reflns_shell.percent_possible_all   98.5 
_reflns_shell.Rmerge_I_obs           0.532 
_reflns_shell.meanI_over_sigI_obs    1.88 
_reflns_shell.pdbx_Rsym_value        ? 
_reflns_shell.pdbx_redundancy        3.4 
_reflns_shell.number_unique_all      1794 
_reflns_shell.number_measured_all    ? 
_reflns_shell.number_measured_obs    ? 
_reflns_shell.number_unique_obs      ? 
_reflns_shell.pdbx_chi_squared       ? 
_reflns_shell.pdbx_ordinal           1 
_reflns_shell.pdbx_diffrn_id         1 
# 
_refine.entry_id                                 2PA1 
_refine.ls_d_res_high                            1.700 
_refine.ls_d_res_low                             29.39 
_refine.pdbx_ls_sigma_F                          0.00 
_refine.ls_percent_reflns_obs                    99.830 
_refine.ls_number_reflns_obs                     11381 
_refine.pdbx_ls_cross_valid_method               THROUGHOUT 
_refine.pdbx_R_Free_selection_details            RANDOM 
_refine.details                                  'HYDROGENS HAVE BEEN ADDED IN THE RIDING POSITIONS' 
_refine.ls_R_factor_obs                          0.195 
_refine.ls_R_factor_R_work                       0.192 
_refine.ls_R_factor_R_free                       0.253 
_refine.ls_percent_reflns_R_free                 4.800 
_refine.ls_number_reflns_R_free                  544 
_refine.B_iso_mean                               32.275 
_refine.aniso_B[1][1]                            1.670 
_refine.aniso_B[2][2]                            1.670 
_refine.aniso_B[3][3]                            -2.500 
_refine.aniso_B[1][2]                            0.830 
_refine.aniso_B[1][3]                            0.000 
_refine.aniso_B[2][3]                            0.000 
_refine.correlation_coeff_Fo_to_Fc               0.966 
_refine.correlation_coeff_Fo_to_Fc_free          0.939 
_refine.pdbx_overall_ESU_R                       0.104 
_refine.pdbx_overall_ESU_R_Free                  0.116 
_refine.overall_SU_ML                            0.104 
_refine.overall_SU_B                             6.262 
_refine.solvent_model_details                    MASK 
_refine.pdbx_solvent_vdw_probe_radii             1.400 
_refine.pdbx_solvent_ion_probe_radii             0.800 
_refine.pdbx_solvent_shrinkage_radii             0.800 
_refine.pdbx_stereochemistry_target_values       'MAXIMUM LIKELIHOOD' 
_refine.pdbx_ls_sigma_I                          0.00 
_refine.ls_number_reflns_all                     11381 
_refine.ls_R_factor_all                          0.195 
_refine.ls_redundancy_reflns_obs                 ? 
_refine.pdbx_data_cutoff_high_absF               ? 
_refine.pdbx_data_cutoff_low_absF                ? 
_refine.ls_number_parameters                     ? 
_refine.ls_number_restraints                     ? 
_refine.ls_R_factor_R_free_error                 ? 
_refine.ls_R_factor_R_free_error_details         ? 
_refine.pdbx_method_to_determine_struct          'MOLECULAR REPLACEMENT' 
_refine.pdbx_starting_model                      'IN-HOUSE MODEL' 
_refine.pdbx_stereochem_target_val_spec_case     ? 
_refine.solvent_model_param_bsol                 ? 
_refine.solvent_model_param_ksol                 ? 
_refine.occupancy_max                            ? 
_refine.occupancy_min                            ? 
_refine.pdbx_isotropic_thermal_model             ISOTROPIC 
_refine.B_iso_min                                ? 
_refine.B_iso_max                                ? 
_refine.overall_SU_R_Cruickshank_DPI             ? 
_refine.overall_SU_R_free                        ? 
_refine.pdbx_data_cutoff_high_rms_absF           ? 
_refine.ls_wR_factor_R_free                      ? 
_refine.ls_wR_factor_R_work                      ? 
_refine.overall_FOM_free_R_set                   ? 
_refine.overall_FOM_work_R_set                   ? 
_refine.pdbx_refine_id                           'X-RAY DIFFRACTION' 
_refine.pdbx_TLS_residual_ADP_flag               'LIKELY RESIDUAL' 
_refine.pdbx_diffrn_id                           1 
_refine.pdbx_overall_phase_error                 ? 
_refine.pdbx_overall_SU_R_free_Cruickshank_DPI   ? 
_refine.pdbx_overall_SU_R_Blow_DPI               ? 
_refine.pdbx_overall_SU_R_free_Blow_DPI          ? 
# 
_refine_hist.pdbx_refine_id                   'X-RAY DIFFRACTION' 
_refine_hist.cycle_id                         LAST 
_refine_hist.pdbx_number_atoms_protein        639 
_refine_hist.pdbx_number_atoms_nucleic_acid   0 
_refine_hist.pdbx_number_atoms_ligand         2 
_refine_hist.number_atoms_solvent             89 
_refine_hist.number_atoms_total               730 
_refine_hist.d_res_high                       1.700 
_refine_hist.d_res_low                        29.39 
# 
loop_
_refine_ls_restr.type 
_refine_ls_restr.number 
_refine_ls_restr.dev_ideal 
_refine_ls_restr.dev_ideal_target 
_refine_ls_restr.weight 
_refine_ls_restr.pdbx_refine_id 
_refine_ls_restr.pdbx_restraint_function 
r_bond_refined_d         680 0.009  0.022  ? 'X-RAY DIFFRACTION' ? 
r_angle_refined_deg      930 1.199  1.978  ? 'X-RAY DIFFRACTION' ? 
r_dihedral_angle_1_deg   94  6.069  5.000  ? 'X-RAY DIFFRACTION' ? 
r_dihedral_angle_2_deg   27  27.649 22.963 ? 'X-RAY DIFFRACTION' ? 
r_dihedral_angle_3_deg   113 13.718 15.000 ? 'X-RAY DIFFRACTION' ? 
r_dihedral_angle_4_deg   7   17.102 15.000 ? 'X-RAY DIFFRACTION' ? 
r_chiral_restr           107 0.069  0.200  ? 'X-RAY DIFFRACTION' ? 
r_gen_planes_refined     527 0.003  0.020  ? 'X-RAY DIFFRACTION' ? 
r_nbd_refined            274 0.176  0.200  ? 'X-RAY DIFFRACTION' ? 
r_nbtor_refined          459 0.294  0.200  ? 'X-RAY DIFFRACTION' ? 
r_xyhbond_nbd_refined    69  0.138  0.200  ? 'X-RAY DIFFRACTION' ? 
r_symmetry_vdw_refined   22  0.266  0.200  ? 'X-RAY DIFFRACTION' ? 
r_symmetry_hbond_refined 11  0.099  0.200  ? 'X-RAY DIFFRACTION' ? 
r_mcbond_it              464 0.601  1.500  ? 'X-RAY DIFFRACTION' ? 
r_mcangle_it             725 0.832  2.000  ? 'X-RAY DIFFRACTION' ? 
r_scbond_it              243 1.416  3.000  ? 'X-RAY DIFFRACTION' ? 
r_scangle_it             202 2.229  4.500  ? 'X-RAY DIFFRACTION' ? 
# 
_refine_ls_shell.d_res_high                       1.700 
_refine_ls_shell.d_res_low                        1.744 
_refine_ls_shell.pdbx_total_number_of_bins_used   20 
_refine_ls_shell.percent_reflns_obs               98.460 
_refine_ls_shell.number_reflns_R_work             793 
_refine_ls_shell.R_factor_all                     ? 
_refine_ls_shell.R_factor_R_work                  0.303 
_refine_ls_shell.R_factor_R_free                  0.336 
_refine_ls_shell.percent_reflns_R_free            ? 
_refine_ls_shell.number_reflns_R_free             39 
_refine_ls_shell.R_factor_R_free_error            ? 
_refine_ls_shell.number_reflns_all                ? 
_refine_ls_shell.number_reflns_obs                832 
_refine_ls_shell.redundancy_reflns_obs            ? 
_refine_ls_shell.pdbx_refine_id                   'X-RAY DIFFRACTION' 
# 
_struct.entry_id                  2PA1 
_struct.title                     
'Structure of the PDZ domain of human PDLIM2 bound to a C-terminal extension from human beta-tropomyosin' 
_struct.pdbx_model_details        ? 
_struct.pdbx_CASP_flag            ? 
_struct.pdbx_model_type_details   ? 
# 
_struct_keywords.entry_id        2PA1 
_struct_keywords.pdbx_keywords   'METAL BINDING PROTEIN' 
_struct_keywords.text            'PDZ DOMAIN, Structural Genomics, Structural Genomics Consortium, SGC, METAL BINDING PROTEIN' 
# 
loop_
_struct_asym.id 
_struct_asym.pdbx_blank_PDB_chainid_flag 
_struct_asym.pdbx_modified 
_struct_asym.entity_id 
_struct_asym.details 
A N N 1 ? 
B N N 2 ? 
C N N 2 ? 
D N N 3 ? 
# 
_struct_ref.id                         1 
_struct_ref.db_name                    UNP 
_struct_ref.db_code                    PDLI2_HUMAN 
_struct_ref.pdbx_db_accession          Q96JY6 
_struct_ref.entity_id                  1 
_struct_ref.pdbx_seq_one_letter_code   
;MALTVDVAGPAPWGFRITGGRDFHTPIMVTKVAERGKAKDADLRPGDIIVAINGESAEGMLHAEAQSKIRQSPSPLRLQL
DR
;
_struct_ref.pdbx_align_begin           1 
_struct_ref.pdbx_db_isoform            ? 
# 
_struct_ref_seq.align_id                      1 
_struct_ref_seq.ref_id                        1 
_struct_ref_seq.pdbx_PDB_id_code              2PA1 
_struct_ref_seq.pdbx_strand_id                A 
_struct_ref_seq.seq_align_beg                 2 
_struct_ref_seq.pdbx_seq_align_beg_ins_code   ? 
_struct_ref_seq.seq_align_end                 83 
_struct_ref_seq.pdbx_seq_align_end_ins_code   ? 
_struct_ref_seq.pdbx_db_accession             Q96JY6 
_struct_ref_seq.db_align_beg                  1 
_struct_ref_seq.pdbx_db_align_beg_ins_code    ? 
_struct_ref_seq.db_align_end                  82 
_struct_ref_seq.pdbx_db_align_end_ins_code    ? 
_struct_ref_seq.pdbx_auth_seq_align_beg       1 
_struct_ref_seq.pdbx_auth_seq_align_end       82 
# 
loop_
_struct_ref_seq_dif.align_id 
_struct_ref_seq_dif.pdbx_pdb_id_code 
_struct_ref_seq_dif.mon_id 
_struct_ref_seq_dif.pdbx_pdb_strand_id 
_struct_ref_seq_dif.seq_num 
_struct_ref_seq_dif.pdbx_pdb_ins_code 
_struct_ref_seq_dif.pdbx_seq_db_name 
_struct_ref_seq_dif.pdbx_seq_db_accession_code 
_struct_ref_seq_dif.db_mon_id 
_struct_ref_seq_dif.pdbx_seq_db_seq_num 
_struct_ref_seq_dif.details 
_struct_ref_seq_dif.pdbx_auth_seq_num 
_struct_ref_seq_dif.pdbx_ordinal 
1 2PA1 SER A 1  ? UNP Q96JY6 ? ? 'cloning artifact' 0  1 
1 2PA1 ILE A 84 ? UNP Q96JY6 ? ? 'SEE REMARK 999'   83 2 
1 2PA1 THR A 85 ? UNP Q96JY6 ? ? 'SEE REMARK 999'   84 3 
1 2PA1 SER A 86 ? UNP Q96JY6 ? ? 'SEE REMARK 999'   85 4 
1 2PA1 LEU A 87 ? UNP Q96JY6 ? ? 'SEE REMARK 999'   86 5 
# 
_pdbx_struct_assembly.id                   1 
_pdbx_struct_assembly.details              author_defined_assembly 
_pdbx_struct_assembly.method_details       ? 
_pdbx_struct_assembly.oligomeric_details   monomeric 
_pdbx_struct_assembly.oligomeric_count     1 
# 
_pdbx_struct_assembly_gen.assembly_id       1 
_pdbx_struct_assembly_gen.oper_expression   1 
_pdbx_struct_assembly_gen.asym_id_list      A,B,C,D 
# 
_pdbx_struct_oper_list.id                   1 
_pdbx_struct_oper_list.type                 'identity operation' 
_pdbx_struct_oper_list.name                 1_555 
_pdbx_struct_oper_list.symmetry_operation   x,y,z 
_pdbx_struct_oper_list.matrix[1][1]         1.0000000000 
_pdbx_struct_oper_list.matrix[1][2]         0.0000000000 
_pdbx_struct_oper_list.matrix[1][3]         0.0000000000 
_pdbx_struct_oper_list.vector[1]            0.0000000000 
_pdbx_struct_oper_list.matrix[2][1]         0.0000000000 
_pdbx_struct_oper_list.matrix[2][2]         1.0000000000 
_pdbx_struct_oper_list.matrix[2][3]         0.0000000000 
_pdbx_struct_oper_list.vector[2]            0.0000000000 
_pdbx_struct_oper_list.matrix[3][1]         0.0000000000 
_pdbx_struct_oper_list.matrix[3][2]         0.0000000000 
_pdbx_struct_oper_list.matrix[3][3]         1.0000000000 
_pdbx_struct_oper_list.vector[3]            0.0000000000 
# 
_struct_biol.id                    1 
_struct_biol.details               ? 
_struct_biol.pdbx_parent_biol_id   ? 
# 
loop_
_struct_conf.conf_type_id 
_struct_conf.id 
_struct_conf.pdbx_PDB_helix_id 
_struct_conf.beg_label_comp_id 
_struct_conf.beg_label_asym_id 
_struct_conf.beg_label_seq_id 
_struct_conf.pdbx_beg_PDB_ins_code 
_struct_conf.end_label_comp_id 
_struct_conf.end_label_asym_id 
_struct_conf.end_label_seq_id 
_struct_conf.pdbx_end_PDB_ins_code 
_struct_conf.beg_auth_comp_id 
_struct_conf.beg_auth_asym_id 
_struct_conf.beg_auth_seq_id 
_struct_conf.end_auth_comp_id 
_struct_conf.end_auth_asym_id 
_struct_conf.end_auth_seq_id 
_struct_conf.pdbx_PDB_helix_class 
_struct_conf.details 
_struct_conf.pdbx_PDB_helix_length 
HELX_P HELX_P1 1 ARG A 22 ? HIS A 25 ? ARG A 21 HIS A 24 5 ? 4  
HELX_P HELX_P2 2 GLY A 37 ? ALA A 42 ? GLY A 36 ALA A 41 1 ? 6  
HELX_P HELX_P3 3 LEU A 62 ? GLN A 72 ? LEU A 61 GLN A 71 1 ? 11 
# 
_struct_conf_type.id          HELX_P 
_struct_conf_type.criteria    ? 
_struct_conf_type.reference   ? 
# 
loop_
_struct_mon_prot_cis.pdbx_id 
_struct_mon_prot_cis.label_comp_id 
_struct_mon_prot_cis.label_seq_id 
_struct_mon_prot_cis.label_asym_id 
_struct_mon_prot_cis.label_alt_id 
_struct_mon_prot_cis.pdbx_PDB_ins_code 
_struct_mon_prot_cis.auth_comp_id 
_struct_mon_prot_cis.auth_seq_id 
_struct_mon_prot_cis.auth_asym_id 
_struct_mon_prot_cis.pdbx_label_comp_id_2 
_struct_mon_prot_cis.pdbx_label_seq_id_2 
_struct_mon_prot_cis.pdbx_label_asym_id_2 
_struct_mon_prot_cis.pdbx_PDB_ins_code_2 
_struct_mon_prot_cis.pdbx_auth_comp_id_2 
_struct_mon_prot_cis.pdbx_auth_seq_id_2 
_struct_mon_prot_cis.pdbx_auth_asym_id_2 
_struct_mon_prot_cis.pdbx_PDB_model_num 
_struct_mon_prot_cis.pdbx_omega_angle 
1 GLY 10 A . ? GLY 9  A PRO 11 A ? PRO 10 A 1 -4.12 
2 ALA 12 A . ? ALA 11 A PRO 13 A ? PRO 12 A 1 -0.10 
3 SER 75 A . ? SER 74 A PRO 76 A ? PRO 75 A 1 -2.99 
4 SER 75 A . ? SER 74 A PRO 76 A ? PRO 75 A 1 -3.52 
# 
loop_
_struct_sheet.id 
_struct_sheet.type 
_struct_sheet.number_strands 
_struct_sheet.details 
A ? 4 ? 
B ? 2 ? 
# 
loop_
_struct_sheet_order.sheet_id 
_struct_sheet_order.range_id_1 
_struct_sheet_order.range_id_2 
_struct_sheet_order.offset 
_struct_sheet_order.sense 
A 1 2 ? anti-parallel 
A 2 3 ? anti-parallel 
A 3 4 ? anti-parallel 
B 1 2 ? anti-parallel 
# 
loop_
_struct_sheet_range.sheet_id 
_struct_sheet_range.id 
_struct_sheet_range.beg_label_comp_id 
_struct_sheet_range.beg_label_asym_id 
_struct_sheet_range.beg_label_seq_id 
_struct_sheet_range.pdbx_beg_PDB_ins_code 
_struct_sheet_range.end_label_comp_id 
_struct_sheet_range.end_label_asym_id 
_struct_sheet_range.end_label_seq_id 
_struct_sheet_range.pdbx_end_PDB_ins_code 
_struct_sheet_range.beg_auth_comp_id 
_struct_sheet_range.beg_auth_asym_id 
_struct_sheet_range.beg_auth_seq_id 
_struct_sheet_range.end_auth_comp_id 
_struct_sheet_range.end_auth_asym_id 
_struct_sheet_range.end_auth_seq_id 
A 1 MET A 2  ? VAL A 8  ? MET A 1  VAL A 7  
A 2 LEU A 77 ? ARG A 83 ? LEU A 76 ARG A 82 
A 3 ILE A 49 ? ILE A 53 ? ILE A 48 ILE A 52 
A 4 GLU A 56 ? SER A 57 ? GLU A 55 SER A 56 
B 1 PHE A 16 ? GLY A 21 ? PHE A 15 GLY A 20 
B 2 THR A 26 ? VAL A 33 ? THR A 25 VAL A 32 
# 
loop_
_pdbx_struct_sheet_hbond.sheet_id 
_pdbx_struct_sheet_hbond.range_id_1 
_pdbx_struct_sheet_hbond.range_id_2 
_pdbx_struct_sheet_hbond.range_1_label_atom_id 
_pdbx_struct_sheet_hbond.range_1_label_comp_id 
_pdbx_struct_sheet_hbond.range_1_label_asym_id 
_pdbx_struct_sheet_hbond.range_1_label_seq_id 
_pdbx_struct_sheet_hbond.range_1_PDB_ins_code 
_pdbx_struct_sheet_hbond.range_1_auth_atom_id 
_pdbx_struct_sheet_hbond.range_1_auth_comp_id 
_pdbx_struct_sheet_hbond.range_1_auth_asym_id 
_pdbx_struct_sheet_hbond.range_1_auth_seq_id 
_pdbx_struct_sheet_hbond.range_2_label_atom_id 
_pdbx_struct_sheet_hbond.range_2_label_comp_id 
_pdbx_struct_sheet_hbond.range_2_label_asym_id 
_pdbx_struct_sheet_hbond.range_2_label_seq_id 
_pdbx_struct_sheet_hbond.range_2_PDB_ins_code 
_pdbx_struct_sheet_hbond.range_2_auth_atom_id 
_pdbx_struct_sheet_hbond.range_2_auth_comp_id 
_pdbx_struct_sheet_hbond.range_2_auth_asym_id 
_pdbx_struct_sheet_hbond.range_2_auth_seq_id 
A 1 2 N VAL A 8  ? N VAL A 7  O LEU A 77 ? O LEU A 76 
A 2 3 O GLN A 80 ? O GLN A 79 N VAL A 51 ? N VAL A 50 
A 3 4 N ILE A 53 ? N ILE A 52 O GLU A 56 ? O GLU A 55 
B 1 2 N THR A 19 ? N THR A 18 O MET A 29 ? O MET A 28 
# 
loop_
_struct_site.id 
_struct_site.pdbx_evidence_code 
_struct_site.pdbx_auth_asym_id 
_struct_site.pdbx_auth_comp_id 
_struct_site.pdbx_auth_seq_id 
_struct_site.pdbx_auth_ins_code 
_struct_site.pdbx_num_residues 
_struct_site.details 
AC1 Software A CL 201 ? 3 'BINDING SITE FOR RESIDUE CL A 201' 
AC2 Software A CL 202 ? 2 'BINDING SITE FOR RESIDUE CL A 202' 
# 
loop_
_struct_site_gen.id 
_struct_site_gen.site_id 
_struct_site_gen.pdbx_num_res 
_struct_site_gen.label_comp_id 
_struct_site_gen.label_asym_id 
_struct_site_gen.label_seq_id 
_struct_site_gen.pdbx_auth_ins_code 
_struct_site_gen.auth_comp_id 
_struct_site_gen.auth_asym_id 
_struct_site_gen.auth_seq_id 
_struct_site_gen.label_atom_id 
_struct_site_gen.label_alt_id 
_struct_site_gen.symmetry 
_struct_site_gen.details 
1 AC1 3 SER A 1  ? SER A 0  . ? 1_555 ? 
2 AC1 3 THR A 85 ? THR A 84 . ? 1_555 ? 
3 AC1 3 SER A 86 ? SER A 85 . ? 1_555 ? 
4 AC2 2 THR A 5  ? THR A 4  . ? 1_555 ? 
5 AC2 2 SER A 75 ? SER A 74 . ? 3_664 ? 
# 
_pdbx_SG_project.id                    1 
_pdbx_SG_project.project_name          ? 
_pdbx_SG_project.full_name_of_center   'Structural Genomics Consortium' 
_pdbx_SG_project.initial_of_center     SGC 
# 
_pdbx_refine_tls.id               1 
_pdbx_refine_tls.details          ? 
_pdbx_refine_tls.method           refined 
_pdbx_refine_tls.origin_x         -0.0375 
_pdbx_refine_tls.origin_y         -0.0096 
_pdbx_refine_tls.origin_z         -0.4217 
_pdbx_refine_tls.T[1][1]          -0.1383 
_pdbx_refine_tls.T[2][2]          -0.1161 
_pdbx_refine_tls.T[3][3]          -0.0807 
_pdbx_refine_tls.T[1][2]          0.0160 
_pdbx_refine_tls.T[1][3]          0.0557 
_pdbx_refine_tls.T[2][3]          -0.0783 
_pdbx_refine_tls.L[1][1]          3.8354 
_pdbx_refine_tls.L[2][2]          3.6393 
_pdbx_refine_tls.L[3][3]          3.1053 
_pdbx_refine_tls.L[1][2]          1.0604 
_pdbx_refine_tls.L[1][3]          -0.8591 
_pdbx_refine_tls.L[2][3]          0.1032 
_pdbx_refine_tls.S[1][1]          -0.0573 
_pdbx_refine_tls.S[2][2]          -0.1083 
_pdbx_refine_tls.S[3][3]          0.1656 
_pdbx_refine_tls.S[1][2]          0.2294 
_pdbx_refine_tls.S[1][3]          -0.2302 
_pdbx_refine_tls.S[2][3]          -0.1328 
_pdbx_refine_tls.S[2][1]          -0.3448 
_pdbx_refine_tls.S[3][1]          0.1942 
_pdbx_refine_tls.S[3][2]          -0.1167 
_pdbx_refine_tls.pdbx_refine_id   'X-RAY DIFFRACTION' 
# 
_pdbx_refine_tls_group.id                  1 
_pdbx_refine_tls_group.refine_tls_id       1 
_pdbx_refine_tls_group.beg_label_asym_id   A 
_pdbx_refine_tls_group.beg_label_seq_id    1 
_pdbx_refine_tls_group.end_label_asym_id   A 
_pdbx_refine_tls_group.end_label_seq_id    87 
_pdbx_refine_tls_group.selection           ALL 
_pdbx_refine_tls_group.beg_auth_asym_id    A 
_pdbx_refine_tls_group.beg_auth_seq_id     0 
_pdbx_refine_tls_group.end_auth_asym_id    A 
_pdbx_refine_tls_group.end_auth_seq_id     86 
_pdbx_refine_tls_group.pdbx_refine_id      'X-RAY DIFFRACTION' 
_pdbx_refine_tls_group.selection_details   ? 
# 
_pdbx_phasing_MR.entry_id                     2PA1 
_pdbx_phasing_MR.method_rotation              ? 
_pdbx_phasing_MR.method_translation           ? 
_pdbx_phasing_MR.model_details                ? 
_pdbx_phasing_MR.R_factor                     ? 
_pdbx_phasing_MR.R_rigid_body                 ? 
_pdbx_phasing_MR.correlation_coeff_Fo_to_Fc   ? 
_pdbx_phasing_MR.correlation_coeff_Io_to_Ic   ? 
_pdbx_phasing_MR.d_res_high_rotation          2.500 
_pdbx_phasing_MR.d_res_low_rotation           29.390 
_pdbx_phasing_MR.d_res_high_translation       2.500 
_pdbx_phasing_MR.d_res_low_translation        29.390 
_pdbx_phasing_MR.packing                      ? 
_pdbx_phasing_MR.reflns_percent_rotation      ? 
_pdbx_phasing_MR.reflns_percent_translation   ? 
_pdbx_phasing_MR.sigma_F_rotation             ? 
_pdbx_phasing_MR.sigma_F_translation          ? 
_pdbx_phasing_MR.sigma_I_rotation             ? 
_pdbx_phasing_MR.sigma_I_translation          ? 
# 
_pdbx_database_remark.id     999 
_pdbx_database_remark.text   
;SEQUENCE 
THESE FOUR RESIDUES BELONG TO THE C-TERMINAL EXTENSION 
FROM HUMAN BETA-TROPOMYOSIN 

;
# 
loop_
_chem_comp_atom.comp_id 
_chem_comp_atom.atom_id 
_chem_comp_atom.type_symbol 
_chem_comp_atom.pdbx_aromatic_flag 
_chem_comp_atom.pdbx_stereo_config 
_chem_comp_atom.pdbx_ordinal 
ALA N    N  N N 1   
ALA CA   C  N S 2   
ALA C    C  N N 3   
ALA O    O  N N 4   
ALA CB   C  N N 5   
ALA OXT  O  N N 6   
ALA H    H  N N 7   
ALA H2   H  N N 8   
ALA HA   H  N N 9   
ALA HB1  H  N N 10  
ALA HB2  H  N N 11  
ALA HB3  H  N N 12  
ALA HXT  H  N N 13  
ARG N    N  N N 14  
ARG CA   C  N S 15  
ARG C    C  N N 16  
ARG O    O  N N 17  
ARG CB   C  N N 18  
ARG CG   C  N N 19  
ARG CD   C  N N 20  
ARG NE   N  N N 21  
ARG CZ   C  N N 22  
ARG NH1  N  N N 23  
ARG NH2  N  N N 24  
ARG OXT  O  N N 25  
ARG H    H  N N 26  
ARG H2   H  N N 27  
ARG HA   H  N N 28  
ARG HB2  H  N N 29  
ARG HB3  H  N N 30  
ARG HG2  H  N N 31  
ARG HG3  H  N N 32  
ARG HD2  H  N N 33  
ARG HD3  H  N N 34  
ARG HE   H  N N 35  
ARG HH11 H  N N 36  
ARG HH12 H  N N 37  
ARG HH21 H  N N 38  
ARG HH22 H  N N 39  
ARG HXT  H  N N 40  
ASN N    N  N N 41  
ASN CA   C  N S 42  
ASN C    C  N N 43  
ASN O    O  N N 44  
ASN CB   C  N N 45  
ASN CG   C  N N 46  
ASN OD1  O  N N 47  
ASN ND2  N  N N 48  
ASN OXT  O  N N 49  
ASN H    H  N N 50  
ASN H2   H  N N 51  
ASN HA   H  N N 52  
ASN HB2  H  N N 53  
ASN HB3  H  N N 54  
ASN HD21 H  N N 55  
ASN HD22 H  N N 56  
ASN HXT  H  N N 57  
ASP N    N  N N 58  
ASP CA   C  N S 59  
ASP C    C  N N 60  
ASP O    O  N N 61  
ASP CB   C  N N 62  
ASP CG   C  N N 63  
ASP OD1  O  N N 64  
ASP OD2  O  N N 65  
ASP OXT  O  N N 66  
ASP H    H  N N 67  
ASP H2   H  N N 68  
ASP HA   H  N N 69  
ASP HB2  H  N N 70  
ASP HB3  H  N N 71  
ASP HD2  H  N N 72  
ASP HXT  H  N N 73  
CL  CL   CL N N 74  
GLN N    N  N N 75  
GLN CA   C  N S 76  
GLN C    C  N N 77  
GLN O    O  N N 78  
GLN CB   C  N N 79  
GLN CG   C  N N 80  
GLN CD   C  N N 81  
GLN OE1  O  N N 82  
GLN NE2  N  N N 83  
GLN OXT  O  N N 84  
GLN H    H  N N 85  
GLN H2   H  N N 86  
GLN HA   H  N N 87  
GLN HB2  H  N N 88  
GLN HB3  H  N N 89  
GLN HG2  H  N N 90  
GLN HG3  H  N N 91  
GLN HE21 H  N N 92  
GLN HE22 H  N N 93  
GLN HXT  H  N N 94  
GLU N    N  N N 95  
GLU CA   C  N S 96  
GLU C    C  N N 97  
GLU O    O  N N 98  
GLU CB   C  N N 99  
GLU CG   C  N N 100 
GLU CD   C  N N 101 
GLU OE1  O  N N 102 
GLU OE2  O  N N 103 
GLU OXT  O  N N 104 
GLU H    H  N N 105 
GLU H2   H  N N 106 
GLU HA   H  N N 107 
GLU HB2  H  N N 108 
GLU HB3  H  N N 109 
GLU HG2  H  N N 110 
GLU HG3  H  N N 111 
GLU HE2  H  N N 112 
GLU HXT  H  N N 113 
GLY N    N  N N 114 
GLY CA   C  N N 115 
GLY C    C  N N 116 
GLY O    O  N N 117 
GLY OXT  O  N N 118 
GLY H    H  N N 119 
GLY H2   H  N N 120 
GLY HA2  H  N N 121 
GLY HA3  H  N N 122 
GLY HXT  H  N N 123 
HIS N    N  N N 124 
HIS CA   C  N S 125 
HIS C    C  N N 126 
HIS O    O  N N 127 
HIS CB   C  N N 128 
HIS CG   C  Y N 129 
HIS ND1  N  Y N 130 
HIS CD2  C  Y N 131 
HIS CE1  C  Y N 132 
HIS NE2  N  Y N 133 
HIS OXT  O  N N 134 
HIS H    H  N N 135 
HIS H2   H  N N 136 
HIS HA   H  N N 137 
HIS HB2  H  N N 138 
HIS HB3  H  N N 139 
HIS HD1  H  N N 140 
HIS HD2  H  N N 141 
HIS HE1  H  N N 142 
HIS HE2  H  N N 143 
HIS HXT  H  N N 144 
HOH O    O  N N 145 
HOH H1   H  N N 146 
HOH H2   H  N N 147 
ILE N    N  N N 148 
ILE CA   C  N S 149 
ILE C    C  N N 150 
ILE O    O  N N 151 
ILE CB   C  N S 152 
ILE CG1  C  N N 153 
ILE CG2  C  N N 154 
ILE CD1  C  N N 155 
ILE OXT  O  N N 156 
ILE H    H  N N 157 
ILE H2   H  N N 158 
ILE HA   H  N N 159 
ILE HB   H  N N 160 
ILE HG12 H  N N 161 
ILE HG13 H  N N 162 
ILE HG21 H  N N 163 
ILE HG22 H  N N 164 
ILE HG23 H  N N 165 
ILE HD11 H  N N 166 
ILE HD12 H  N N 167 
ILE HD13 H  N N 168 
ILE HXT  H  N N 169 
LEU N    N  N N 170 
LEU CA   C  N S 171 
LEU C    C  N N 172 
LEU O    O  N N 173 
LEU CB   C  N N 174 
LEU CG   C  N N 175 
LEU CD1  C  N N 176 
LEU CD2  C  N N 177 
LEU OXT  O  N N 178 
LEU H    H  N N 179 
LEU H2   H  N N 180 
LEU HA   H  N N 181 
LEU HB2  H  N N 182 
LEU HB3  H  N N 183 
LEU HG   H  N N 184 
LEU HD11 H  N N 185 
LEU HD12 H  N N 186 
LEU HD13 H  N N 187 
LEU HD21 H  N N 188 
LEU HD22 H  N N 189 
LEU HD23 H  N N 190 
LEU HXT  H  N N 191 
LYS N    N  N N 192 
LYS CA   C  N S 193 
LYS C    C  N N 194 
LYS O    O  N N 195 
LYS CB   C  N N 196 
LYS CG   C  N N 197 
LYS CD   C  N N 198 
LYS CE   C  N N 199 
LYS NZ   N  N N 200 
LYS OXT  O  N N 201 
LYS H    H  N N 202 
LYS H2   H  N N 203 
LYS HA   H  N N 204 
LYS HB2  H  N N 205 
LYS HB3  H  N N 206 
LYS HG2  H  N N 207 
LYS HG3  H  N N 208 
LYS HD2  H  N N 209 
LYS HD3  H  N N 210 
LYS HE2  H  N N 211 
LYS HE3  H  N N 212 
LYS HZ1  H  N N 213 
LYS HZ2  H  N N 214 
LYS HZ3  H  N N 215 
LYS HXT  H  N N 216 
MET N    N  N N 217 
MET CA   C  N S 218 
MET C    C  N N 219 
MET O    O  N N 220 
MET CB   C  N N 221 
MET CG   C  N N 222 
MET SD   S  N N 223 
MET CE   C  N N 224 
MET OXT  O  N N 225 
MET H    H  N N 226 
MET H2   H  N N 227 
MET HA   H  N N 228 
MET HB2  H  N N 229 
MET HB3  H  N N 230 
MET HG2  H  N N 231 
MET HG3  H  N N 232 
MET HE1  H  N N 233 
MET HE2  H  N N 234 
MET HE3  H  N N 235 
MET HXT  H  N N 236 
PHE N    N  N N 237 
PHE CA   C  N S 238 
PHE C    C  N N 239 
PHE O    O  N N 240 
PHE CB   C  N N 241 
PHE CG   C  Y N 242 
PHE CD1  C  Y N 243 
PHE CD2  C  Y N 244 
PHE CE1  C  Y N 245 
PHE CE2  C  Y N 246 
PHE CZ   C  Y N 247 
PHE OXT  O  N N 248 
PHE H    H  N N 249 
PHE H2   H  N N 250 
PHE HA   H  N N 251 
PHE HB2  H  N N 252 
PHE HB3  H  N N 253 
PHE HD1  H  N N 254 
PHE HD2  H  N N 255 
PHE HE1  H  N N 256 
PHE HE2  H  N N 257 
PHE HZ   H  N N 258 
PHE HXT  H  N N 259 
PRO N    N  N N 260 
PRO CA   C  N S 261 
PRO C    C  N N 262 
PRO O    O  N N 263 
PRO CB   C  N N 264 
PRO CG   C  N N 265 
PRO CD   C  N N 266 
PRO OXT  O  N N 267 
PRO H    H  N N 268 
PRO HA   H  N N 269 
PRO HB2  H  N N 270 
PRO HB3  H  N N 271 
PRO HG2  H  N N 272 
PRO HG3  H  N N 273 
PRO HD2  H  N N 274 
PRO HD3  H  N N 275 
PRO HXT  H  N N 276 
SER N    N  N N 277 
SER CA   C  N S 278 
SER C    C  N N 279 
SER O    O  N N 280 
SER CB   C  N N 281 
SER OG   O  N N 282 
SER OXT  O  N N 283 
SER H    H  N N 284 
SER H2   H  N N 285 
SER HA   H  N N 286 
SER HB2  H  N N 287 
SER HB3  H  N N 288 
SER HG   H  N N 289 
SER HXT  H  N N 290 
THR N    N  N N 291 
THR CA   C  N S 292 
THR C    C  N N 293 
THR O    O  N N 294 
THR CB   C  N R 295 
THR OG1  O  N N 296 
THR CG2  C  N N 297 
THR OXT  O  N N 298 
THR H    H  N N 299 
THR H2   H  N N 300 
THR HA   H  N N 301 
THR HB   H  N N 302 
THR HG1  H  N N 303 
THR HG21 H  N N 304 
THR HG22 H  N N 305 
THR HG23 H  N N 306 
THR HXT  H  N N 307 
TRP N    N  N N 308 
TRP CA   C  N S 309 
TRP C    C  N N 310 
TRP O    O  N N 311 
TRP CB   C  N N 312 
TRP CG   C  Y N 313 
TRP CD1  C  Y N 314 
TRP CD2  C  Y N 315 
TRP NE1  N  Y N 316 
TRP CE2  C  Y N 317 
TRP CE3  C  Y N 318 
TRP CZ2  C  Y N 319 
TRP CZ3  C  Y N 320 
TRP CH2  C  Y N 321 
TRP OXT  O  N N 322 
TRP H    H  N N 323 
TRP H2   H  N N 324 
TRP HA   H  N N 325 
TRP HB2  H  N N 326 
TRP HB3  H  N N 327 
TRP HD1  H  N N 328 
TRP HE1  H  N N 329 
TRP HE3  H  N N 330 
TRP HZ2  H  N N 331 
TRP HZ3  H  N N 332 
TRP HH2  H  N N 333 
TRP HXT  H  N N 334 
VAL N    N  N N 335 
VAL CA   C  N S 336 
VAL C    C  N N 337 
VAL O    O  N N 338 
VAL CB   C  N N 339 
VAL CG1  C  N N 340 
VAL CG2  C  N N 341 
VAL OXT  O  N N 342 
VAL H    H  N N 343 
VAL H2   H  N N 344 
VAL HA   H  N N 345 
VAL HB   H  N N 346 
VAL HG11 H  N N 347 
VAL HG12 H  N N 348 
VAL HG13 H  N N 349 
VAL HG21 H  N N 350 
VAL HG22 H  N N 351 
VAL HG23 H  N N 352 
VAL HXT  H  N N 353 
# 
loop_
_chem_comp_bond.comp_id 
_chem_comp_bond.atom_id_1 
_chem_comp_bond.atom_id_2 
_chem_comp_bond.value_order 
_chem_comp_bond.pdbx_aromatic_flag 
_chem_comp_bond.pdbx_stereo_config 
_chem_comp_bond.pdbx_ordinal 
ALA N   CA   sing N N 1   
ALA N   H    sing N N 2   
ALA N   H2   sing N N 3   
ALA CA  C    sing N N 4   
ALA CA  CB   sing N N 5   
ALA CA  HA   sing N N 6   
ALA C   O    doub N N 7   
ALA C   OXT  sing N N 8   
ALA CB  HB1  sing N N 9   
ALA CB  HB2  sing N N 10  
ALA CB  HB3  sing N N 11  
ALA OXT HXT  sing N N 12  
ARG N   CA   sing N N 13  
ARG N   H    sing N N 14  
ARG N   H2   sing N N 15  
ARG CA  C    sing N N 16  
ARG CA  CB   sing N N 17  
ARG CA  HA   sing N N 18  
ARG C   O    doub N N 19  
ARG C   OXT  sing N N 20  
ARG CB  CG   sing N N 21  
ARG CB  HB2  sing N N 22  
ARG CB  HB3  sing N N 23  
ARG CG  CD   sing N N 24  
ARG CG  HG2  sing N N 25  
ARG CG  HG3  sing N N 26  
ARG CD  NE   sing N N 27  
ARG CD  HD2  sing N N 28  
ARG CD  HD3  sing N N 29  
ARG NE  CZ   sing N N 30  
ARG NE  HE   sing N N 31  
ARG CZ  NH1  sing N N 32  
ARG CZ  NH2  doub N N 33  
ARG NH1 HH11 sing N N 34  
ARG NH1 HH12 sing N N 35  
ARG NH2 HH21 sing N N 36  
ARG NH2 HH22 sing N N 37  
ARG OXT HXT  sing N N 38  
ASN N   CA   sing N N 39  
ASN N   H    sing N N 40  
ASN N   H2   sing N N 41  
ASN CA  C    sing N N 42  
ASN CA  CB   sing N N 43  
ASN CA  HA   sing N N 44  
ASN C   O    doub N N 45  
ASN C   OXT  sing N N 46  
ASN CB  CG   sing N N 47  
ASN CB  HB2  sing N N 48  
ASN CB  HB3  sing N N 49  
ASN CG  OD1  doub N N 50  
ASN CG  ND2  sing N N 51  
ASN ND2 HD21 sing N N 52  
ASN ND2 HD22 sing N N 53  
ASN OXT HXT  sing N N 54  
ASP N   CA   sing N N 55  
ASP N   H    sing N N 56  
ASP N   H2   sing N N 57  
ASP CA  C    sing N N 58  
ASP CA  CB   sing N N 59  
ASP CA  HA   sing N N 60  
ASP C   O    doub N N 61  
ASP C   OXT  sing N N 62  
ASP CB  CG   sing N N 63  
ASP CB  HB2  sing N N 64  
ASP CB  HB3  sing N N 65  
ASP CG  OD1  doub N N 66  
ASP CG  OD2  sing N N 67  
ASP OD2 HD2  sing N N 68  
ASP OXT HXT  sing N N 69  
GLN N   CA   sing N N 70  
GLN N   H    sing N N 71  
GLN N   H2   sing N N 72  
GLN CA  C    sing N N 73  
GLN CA  CB   sing N N 74  
GLN CA  HA   sing N N 75  
GLN C   O    doub N N 76  
GLN C   OXT  sing N N 77  
GLN CB  CG   sing N N 78  
GLN CB  HB2  sing N N 79  
GLN CB  HB3  sing N N 80  
GLN CG  CD   sing N N 81  
GLN CG  HG2  sing N N 82  
GLN CG  HG3  sing N N 83  
GLN CD  OE1  doub N N 84  
GLN CD  NE2  sing N N 85  
GLN NE2 HE21 sing N N 86  
GLN NE2 HE22 sing N N 87  
GLN OXT HXT  sing N N 88  
GLU N   CA   sing N N 89  
GLU N   H    sing N N 90  
GLU N   H2   sing N N 91  
GLU CA  C    sing N N 92  
GLU CA  CB   sing N N 93  
GLU CA  HA   sing N N 94  
GLU C   O    doub N N 95  
GLU C   OXT  sing N N 96  
GLU CB  CG   sing N N 97  
GLU CB  HB2  sing N N 98  
GLU CB  HB3  sing N N 99  
GLU CG  CD   sing N N 100 
GLU CG  HG2  sing N N 101 
GLU CG  HG3  sing N N 102 
GLU CD  OE1  doub N N 103 
GLU CD  OE2  sing N N 104 
GLU OE2 HE2  sing N N 105 
GLU OXT HXT  sing N N 106 
GLY N   CA   sing N N 107 
GLY N   H    sing N N 108 
GLY N   H2   sing N N 109 
GLY CA  C    sing N N 110 
GLY CA  HA2  sing N N 111 
GLY CA  HA3  sing N N 112 
GLY C   O    doub N N 113 
GLY C   OXT  sing N N 114 
GLY OXT HXT  sing N N 115 
HIS N   CA   sing N N 116 
HIS N   H    sing N N 117 
HIS N   H2   sing N N 118 
HIS CA  C    sing N N 119 
HIS CA  CB   sing N N 120 
HIS CA  HA   sing N N 121 
HIS C   O    doub N N 122 
HIS C   OXT  sing N N 123 
HIS CB  CG   sing N N 124 
HIS CB  HB2  sing N N 125 
HIS CB  HB3  sing N N 126 
HIS CG  ND1  sing Y N 127 
HIS CG  CD2  doub Y N 128 
HIS ND1 CE1  doub Y N 129 
HIS ND1 HD1  sing N N 130 
HIS CD2 NE2  sing Y N 131 
HIS CD2 HD2  sing N N 132 
HIS CE1 NE2  sing Y N 133 
HIS CE1 HE1  sing N N 134 
HIS NE2 HE2  sing N N 135 
HIS OXT HXT  sing N N 136 
HOH O   H1   sing N N 137 
HOH O   H2   sing N N 138 
ILE N   CA   sing N N 139 
ILE N   H    sing N N 140 
ILE N   H2   sing N N 141 
ILE CA  C    sing N N 142 
ILE CA  CB   sing N N 143 
ILE CA  HA   sing N N 144 
ILE C   O    doub N N 145 
ILE C   OXT  sing N N 146 
ILE CB  CG1  sing N N 147 
ILE CB  CG2  sing N N 148 
ILE CB  HB   sing N N 149 
ILE CG1 CD1  sing N N 150 
ILE CG1 HG12 sing N N 151 
ILE CG1 HG13 sing N N 152 
ILE CG2 HG21 sing N N 153 
ILE CG2 HG22 sing N N 154 
ILE CG2 HG23 sing N N 155 
ILE CD1 HD11 sing N N 156 
ILE CD1 HD12 sing N N 157 
ILE CD1 HD13 sing N N 158 
ILE OXT HXT  sing N N 159 
LEU N   CA   sing N N 160 
LEU N   H    sing N N 161 
LEU N   H2   sing N N 162 
LEU CA  C    sing N N 163 
LEU CA  CB   sing N N 164 
LEU CA  HA   sing N N 165 
LEU C   O    doub N N 166 
LEU C   OXT  sing N N 167 
LEU CB  CG   sing N N 168 
LEU CB  HB2  sing N N 169 
LEU CB  HB3  sing N N 170 
LEU CG  CD1  sing N N 171 
LEU CG  CD2  sing N N 172 
LEU CG  HG   sing N N 173 
LEU CD1 HD11 sing N N 174 
LEU CD1 HD12 sing N N 175 
LEU CD1 HD13 sing N N 176 
LEU CD2 HD21 sing N N 177 
LEU CD2 HD22 sing N N 178 
LEU CD2 HD23 sing N N 179 
LEU OXT HXT  sing N N 180 
LYS N   CA   sing N N 181 
LYS N   H    sing N N 182 
LYS N   H2   sing N N 183 
LYS CA  C    sing N N 184 
LYS CA  CB   sing N N 185 
LYS CA  HA   sing N N 186 
LYS C   O    doub N N 187 
LYS C   OXT  sing N N 188 
LYS CB  CG   sing N N 189 
LYS CB  HB2  sing N N 190 
LYS CB  HB3  sing N N 191 
LYS CG  CD   sing N N 192 
LYS CG  HG2  sing N N 193 
LYS CG  HG3  sing N N 194 
LYS CD  CE   sing N N 195 
LYS CD  HD2  sing N N 196 
LYS CD  HD3  sing N N 197 
LYS CE  NZ   sing N N 198 
LYS CE  HE2  sing N N 199 
LYS CE  HE3  sing N N 200 
LYS NZ  HZ1  sing N N 201 
LYS NZ  HZ2  sing N N 202 
LYS NZ  HZ3  sing N N 203 
LYS OXT HXT  sing N N 204 
MET N   CA   sing N N 205 
MET N   H    sing N N 206 
MET N   H2   sing N N 207 
MET CA  C    sing N N 208 
MET CA  CB   sing N N 209 
MET CA  HA   sing N N 210 
MET C   O    doub N N 211 
MET C   OXT  sing N N 212 
MET CB  CG   sing N N 213 
MET CB  HB2  sing N N 214 
MET CB  HB3  sing N N 215 
MET CG  SD   sing N N 216 
MET CG  HG2  sing N N 217 
MET CG  HG3  sing N N 218 
MET SD  CE   sing N N 219 
MET CE  HE1  sing N N 220 
MET CE  HE2  sing N N 221 
MET CE  HE3  sing N N 222 
MET OXT HXT  sing N N 223 
PHE N   CA   sing N N 224 
PHE N   H    sing N N 225 
PHE N   H2   sing N N 226 
PHE CA  C    sing N N 227 
PHE CA  CB   sing N N 228 
PHE CA  HA   sing N N 229 
PHE C   O    doub N N 230 
PHE C   OXT  sing N N 231 
PHE CB  CG   sing N N 232 
PHE CB  HB2  sing N N 233 
PHE CB  HB3  sing N N 234 
PHE CG  CD1  doub Y N 235 
PHE CG  CD2  sing Y N 236 
PHE CD1 CE1  sing Y N 237 
PHE CD1 HD1  sing N N 238 
PHE CD2 CE2  doub Y N 239 
PHE CD2 HD2  sing N N 240 
PHE CE1 CZ   doub Y N 241 
PHE CE1 HE1  sing N N 242 
PHE CE2 CZ   sing Y N 243 
PHE CE2 HE2  sing N N 244 
PHE CZ  HZ   sing N N 245 
PHE OXT HXT  sing N N 246 
PRO N   CA   sing N N 247 
PRO N   CD   sing N N 248 
PRO N   H    sing N N 249 
PRO CA  C    sing N N 250 
PRO CA  CB   sing N N 251 
PRO CA  HA   sing N N 252 
PRO C   O    doub N N 253 
PRO C   OXT  sing N N 254 
PRO CB  CG   sing N N 255 
PRO CB  HB2  sing N N 256 
PRO CB  HB3  sing N N 257 
PRO CG  CD   sing N N 258 
PRO CG  HG2  sing N N 259 
PRO CG  HG3  sing N N 260 
PRO CD  HD2  sing N N 261 
PRO CD  HD3  sing N N 262 
PRO OXT HXT  sing N N 263 
SER N   CA   sing N N 264 
SER N   H    sing N N 265 
SER N   H2   sing N N 266 
SER CA  C    sing N N 267 
SER CA  CB   sing N N 268 
SER CA  HA   sing N N 269 
SER C   O    doub N N 270 
SER C   OXT  sing N N 271 
SER CB  OG   sing N N 272 
SER CB  HB2  sing N N 273 
SER CB  HB3  sing N N 274 
SER OG  HG   sing N N 275 
SER OXT HXT  sing N N 276 
THR N   CA   sing N N 277 
THR N   H    sing N N 278 
THR N   H2   sing N N 279 
THR CA  C    sing N N 280 
THR CA  CB   sing N N 281 
THR CA  HA   sing N N 282 
THR C   O    doub N N 283 
THR C   OXT  sing N N 284 
THR CB  OG1  sing N N 285 
THR CB  CG2  sing N N 286 
THR CB  HB   sing N N 287 
THR OG1 HG1  sing N N 288 
THR CG2 HG21 sing N N 289 
THR CG2 HG22 sing N N 290 
THR CG2 HG23 sing N N 291 
THR OXT HXT  sing N N 292 
TRP N   CA   sing N N 293 
TRP N   H    sing N N 294 
TRP N   H2   sing N N 295 
TRP CA  C    sing N N 296 
TRP CA  CB   sing N N 297 
TRP CA  HA   sing N N 298 
TRP C   O    doub N N 299 
TRP C   OXT  sing N N 300 
TRP CB  CG   sing N N 301 
TRP CB  HB2  sing N N 302 
TRP CB  HB3  sing N N 303 
TRP CG  CD1  doub Y N 304 
TRP CG  CD2  sing Y N 305 
TRP CD1 NE1  sing Y N 306 
TRP CD1 HD1  sing N N 307 
TRP CD2 CE2  doub Y N 308 
TRP CD2 CE3  sing Y N 309 
TRP NE1 CE2  sing Y N 310 
TRP NE1 HE1  sing N N 311 
TRP CE2 CZ2  sing Y N 312 
TRP CE3 CZ3  doub Y N 313 
TRP CE3 HE3  sing N N 314 
TRP CZ2 CH2  doub Y N 315 
TRP CZ2 HZ2  sing N N 316 
TRP CZ3 CH2  sing Y N 317 
TRP CZ3 HZ3  sing N N 318 
TRP CH2 HH2  sing N N 319 
TRP OXT HXT  sing N N 320 
VAL N   CA   sing N N 321 
VAL N   H    sing N N 322 
VAL N   H2   sing N N 323 
VAL CA  C    sing N N 324 
VAL CA  CB   sing N N 325 
VAL CA  HA   sing N N 326 
VAL C   O    doub N N 327 
VAL C   OXT  sing N N 328 
VAL CB  CG1  sing N N 329 
VAL CB  CG2  sing N N 330 
VAL CB  HB   sing N N 331 
VAL CG1 HG11 sing N N 332 
VAL CG1 HG12 sing N N 333 
VAL CG1 HG13 sing N N 334 
VAL CG2 HG21 sing N N 335 
VAL CG2 HG22 sing N N 336 
VAL CG2 HG23 sing N N 337 
VAL OXT HXT  sing N N 338 
# 
_pdbx_initial_refinement_model.accession_code   ? 
_pdbx_initial_refinement_model.id               1 
_pdbx_initial_refinement_model.entity_id_list   ? 
_pdbx_initial_refinement_model.type             other 
_pdbx_initial_refinement_model.source_name      ? 
_pdbx_initial_refinement_model.details          'IN-HOUSE MODEL' 
# 
_atom_sites.entry_id                    2PA1 
_atom_sites.fract_transf_matrix[1][1]   0.00128292 
_atom_sites.fract_transf_matrix[1][2]   -0.01100483 
_atom_sites.fract_transf_matrix[1][3]   -0.01622556 
_atom_sites.fract_transf_matrix[2][1]   -0.00398370 
_atom_sites.fract_transf_matrix[2][2]   0.00787691 
_atom_sites.fract_transf_matrix[2][3]   -0.01755358 
_atom_sites.fract_transf_matrix[3][1]   0.01834423 
_atom_sites.fract_transf_matrix[3][2]   0.00498110 
_atom_sites.fract_transf_matrix[3][3]   -0.00192794 
_atom_sites.fract_transf_vector[1]      0.875559 
_atom_sites.fract_transf_vector[2]      0.501205 
_atom_sites.fract_transf_vector[3]      0.108769 
# 
loop_
_atom_type.symbol 
C  
CL 
N  
O  
S  
# 
loop_
_atom_site.group_PDB 
_atom_site.id 
_atom_site.type_symbol 
_atom_site.label_atom_id 
_atom_site.label_alt_id 
_atom_site.label_comp_id 
_atom_site.label_asym_id 
_atom_site.label_entity_id 
_atom_site.label_seq_id 
_atom_site.pdbx_PDB_ins_code 
_atom_site.Cartn_x 
_atom_site.Cartn_y 
_atom_site.Cartn_z 
_atom_site.occupancy 
_atom_site.B_iso_or_equiv 
_atom_site.pdbx_formal_charge 
_atom_site.auth_seq_id 
_atom_site.auth_comp_id 
_atom_site.auth_asym_id 
_atom_site.auth_atom_id 
_atom_site.pdbx_PDB_model_num 
ATOM   1   N  N   . SER A 1 1  ? -17.225 -1.980  -0.788  1.00 35.73 ? 0   SER A N   1 
ATOM   2   C  CA  . SER A 1 1  ? -15.833 -2.143  -0.272  1.00 35.29 ? 0   SER A CA  1 
ATOM   3   C  C   . SER A 1 1  ? -15.641 -1.413  1.056   1.00 35.08 ? 0   SER A C   1 
ATOM   4   O  O   . SER A 1 1  ? -16.460 -0.573  1.439   1.00 34.71 ? 0   SER A O   1 
ATOM   5   C  CB  . SER A 1 1  ? -14.812 -1.673  -1.304  1.00 35.61 ? 0   SER A CB  1 
ATOM   6   O  OG  . SER A 1 1  ? -14.961 -0.289  -1.562  1.00 37.57 ? 0   SER A OG  1 
ATOM   7   N  N   . MET A 1 2  ? -14.567 -1.748  1.763   1.00 34.32 ? 1   MET A N   1 
ATOM   8   C  CA  . MET A 1 2  ? -14.363 -1.226  3.107   1.00 35.00 ? 1   MET A CA  1 
ATOM   9   C  C   . MET A 1 2  ? -13.108 -0.364  3.215   1.00 33.20 ? 1   MET A C   1 
ATOM   10  O  O   . MET A 1 2  ? -12.032 -0.772  2.784   1.00 32.99 ? 1   MET A O   1 
ATOM   11  C  CB  . MET A 1 2  ? -14.321 -2.367  4.128   1.00 34.67 ? 1   MET A CB  1 
ATOM   12  C  CG  . MET A 1 2  ? -14.021 -1.899  5.551   1.00 37.17 ? 1   MET A CG  1 
ATOM   13  S  SD  . MET A 1 2  ? -14.598 -3.041  6.820   1.00 40.47 ? 1   MET A SD  1 
ATOM   14  C  CE  . MET A 1 2  ? -13.256 -4.213  6.805   1.00 39.47 ? 1   MET A CE  1 
ATOM   15  N  N   . ALA A 1 3  ? -13.268 0.825   3.793   1.00 31.72 ? 2   ALA A N   1 
ATOM   16  C  CA  . ALA A 1 3  ? -12.152 1.740   4.043   1.00 30.73 ? 2   ALA A CA  1 
ATOM   17  C  C   . ALA A 1 3  ? -11.421 1.348   5.318   1.00 30.26 ? 2   ALA A C   1 
ATOM   18  O  O   . ALA A 1 3  ? -12.041 1.025   6.336   1.00 29.41 ? 2   ALA A O   1 
ATOM   19  C  CB  . ALA A 1 3  ? -12.649 3.169   4.137   1.00 30.90 ? 2   ALA A CB  1 
ATOM   20  N  N   . LEU A 1 4  ? -10.099 1.353   5.246   1.00 29.74 ? 3   LEU A N   1 
ATOM   21  C  CA  . LEU A 1 4  ? -9.267  1.021   6.388   1.00 30.06 ? 3   LEU A CA  1 
ATOM   22  C  C   . LEU A 1 4  ? -8.022  1.882   6.371   1.00 30.24 ? 3   LEU A C   1 
ATOM   23  O  O   . LEU A 1 4  ? -7.558  2.309   5.304   1.00 30.00 ? 3   LEU A O   1 
ATOM   24  C  CB  . LEU A 1 4  ? -8.814  -0.444  6.350   1.00 30.33 ? 3   LEU A CB  1 
ATOM   25  C  CG  . LEU A 1 4  ? -9.855  -1.553  6.295   1.00 31.47 ? 3   LEU A CG  1 
ATOM   26  C  CD1 . LEU A 1 4  ? -9.271  -2.747  5.559   1.00 33.80 ? 3   LEU A CD1 1 
ATOM   27  C  CD2 . LEU A 1 4  ? -10.358 -1.935  7.672   1.00 34.19 ? 3   LEU A CD2 1 
ATOM   28  N  N   . THR A 1 5  ? -7.470  2.092   7.562   1.00 29.90 ? 4   THR A N   1 
ATOM   29  C  CA  . THR A 1 5  ? -6.163  2.737   7.722   1.00 30.42 ? 4   THR A CA  1 
ATOM   30  C  C   . THR A 1 5  ? -5.244  1.767   8.442   1.00 30.59 ? 4   THR A C   1 
ATOM   31  O  O   . THR A 1 5  ? -5.626  1.147   9.430   1.00 29.67 ? 4   THR A O   1 
ATOM   32  C  CB  . THR A 1 5  ? -6.265  4.064   8.506   1.00 29.89 ? 4   THR A CB  1 
ATOM   33  O  OG1 . THR A 1 5  ? -7.291  4.869   7.931   1.00 31.22 ? 4   THR A OG1 1 
ATOM   34  C  CG2 . THR A 1 5  ? -4.947  4.847   8.470   1.00 30.65 ? 4   THR A CG2 1 
ATOM   35  N  N   . VAL A 1 6  ? -4.038  1.634   7.911   1.00 31.23 ? 5   VAL A N   1 
ATOM   36  C  CA  . VAL A 1 6  ? -3.020  0.756   8.462   1.00 31.93 ? 5   VAL A CA  1 
ATOM   37  C  C   . VAL A 1 6  ? -1.737  1.567   8.727   1.00 32.36 ? 5   VAL A C   1 
ATOM   38  O  O   . VAL A 1 6  ? -1.266  2.278   7.844   1.00 32.28 ? 5   VAL A O   1 
ATOM   39  C  CB  . VAL A 1 6  ? -2.779  -0.419  7.472   1.00 32.68 ? 5   VAL A CB  1 
ATOM   40  C  CG1 . VAL A 1 6  ? -1.515  -1.146  7.749   1.00 33.28 ? 5   VAL A CG1 1 
ATOM   41  C  CG2 . VAL A 1 6  ? -3.962  -1.390  7.513   1.00 31.61 ? 5   VAL A CG2 1 
ATOM   42  N  N   . ASP A 1 7  ? -1.198  1.471   9.943   1.00 32.52 ? 6   ASP A N   1 
ATOM   43  C  CA  . ASP A 1 7  ? 0.176   1.910   10.213  1.00 33.55 ? 6   ASP A CA  1 
ATOM   44  C  C   . ASP A 1 7  ? 1.112   0.696   10.234  1.00 33.42 ? 6   ASP A C   1 
ATOM   45  O  O   . ASP A 1 7  ? 0.984   -0.194  11.094  1.00 34.47 ? 6   ASP A O   1 
ATOM   46  C  CB  . ASP A 1 7  ? 0.277   2.655   11.538  1.00 33.79 ? 6   ASP A CB  1 
ATOM   47  C  CG  . ASP A 1 7  ? -0.297  4.055   11.474  1.00 37.08 ? 6   ASP A CG  1 
ATOM   48  O  OD1 . ASP A 1 7  ? -0.417  4.627   10.366  1.00 38.46 ? 6   ASP A OD1 1 
ATOM   49  O  OD2 . ASP A 1 7  ? -0.624  4.596   12.549  1.00 39.62 ? 6   ASP A OD2 1 
ATOM   50  N  N   . VAL A 1 8  ? 2.034   0.650   9.280   1.00 33.17 ? 7   VAL A N   1 
ATOM   51  C  CA  . VAL A 1 8  ? 3.014   -0.432  9.221   1.00 32.44 ? 7   VAL A CA  1 
ATOM   52  C  C   . VAL A 1 8  ? 4.292   0.006   9.952   1.00 31.78 ? 7   VAL A C   1 
ATOM   53  O  O   . VAL A 1 8  ? 4.917   1.002   9.577   1.00 30.90 ? 7   VAL A O   1 
ATOM   54  C  CB  . VAL A 1 8  ? 3.329   -0.844  7.751   1.00 32.86 ? 7   VAL A CB  1 
ATOM   55  C  CG1 . VAL A 1 8  ? 4.224   -2.086  7.719   1.00 32.83 ? 7   VAL A CG1 1 
ATOM   56  C  CG2 . VAL A 1 8  ? 2.050   -1.095  6.966   1.00 32.44 ? 7   VAL A CG2 1 
ATOM   57  N  N   . ALA A 1 9  ? 4.672   -0.736  10.995  1.00 31.27 ? 8   ALA A N   1 
ATOM   58  C  CA  . ALA A 1 9  ? 5.880   -0.419  11.766  1.00 31.20 ? 8   ALA A CA  1 
ATOM   59  C  C   . ALA A 1 9  ? 7.156   -0.632  10.944  1.00 30.56 ? 8   ALA A C   1 
ATOM   60  O  O   . ALA A 1 9  ? 7.258   -1.580  10.151  1.00 30.56 ? 8   ALA A O   1 
ATOM   61  C  CB  . ALA A 1 9  ? 5.929   -1.235  13.061  1.00 31.43 ? 8   ALA A CB  1 
ATOM   62  N  N   . GLY A 1 10 ? 8.115   0.271   11.113  1.00 30.19 ? 9   GLY A N   1 
ATOM   63  C  CA  . GLY A 1 10 ? 9.375   0.207   10.374  1.00 29.78 ? 9   GLY A CA  1 
ATOM   64  C  C   . GLY A 1 10 ? 10.486  -0.512  11.124  1.00 29.69 ? 9   GLY A C   1 
ATOM   65  O  O   . GLY A 1 10 ? 10.251  -1.049  12.210  1.00 29.24 ? 9   GLY A O   1 
ATOM   66  N  N   . PRO A 1 11 ? 11.708  -0.529  10.552  1.00 29.80 ? 10  PRO A N   1 
ATOM   67  C  CA  . PRO A 1 11 ? 12.025  0.016   9.228   1.00 30.12 ? 10  PRO A CA  1 
ATOM   68  C  C   . PRO A 1 11 ? 11.629  -0.899  8.065   1.00 30.35 ? 10  PRO A C   1 
ATOM   69  O  O   . PRO A 1 11 ? 11.191  -2.037  8.275   1.00 30.66 ? 10  PRO A O   1 
ATOM   70  C  CB  . PRO A 1 11 ? 13.543  0.167   9.278   1.00 30.21 ? 10  PRO A CB  1 
ATOM   71  C  CG  . PRO A 1 11 ? 13.984  -0.939  10.176  1.00 29.79 ? 10  PRO A CG  1 
ATOM   72  C  CD  . PRO A 1 11 ? 12.905  -1.083  11.217  1.00 29.75 ? 10  PRO A CD  1 
ATOM   73  N  N   . ALA A 1 12 ? 11.768  -0.386  6.849   1.00 30.64 ? 11  ALA A N   1 
ATOM   74  C  CA  . ALA A 1 12 ? 11.648  -1.187  5.645   1.00 30.92 ? 11  ALA A CA  1 
ATOM   75  C  C   . ALA A 1 12 ? 12.810  -2.193  5.613   1.00 30.86 ? 11  ALA A C   1 
ATOM   76  O  O   . ALA A 1 12 ? 13.818  -1.993  6.313   1.00 30.99 ? 11  ALA A O   1 
ATOM   77  C  CB  . ALA A 1 12 ? 11.657  -0.289  4.412   1.00 30.82 ? 11  ALA A CB  1 
ATOM   78  N  N   . PRO A 1 13 ? 12.693  -3.278  4.814   1.00 30.89 ? 12  PRO A N   1 
ATOM   79  C  CA  . PRO A 1 13 ? 11.605  -3.699  3.924   1.00 30.68 ? 12  PRO A CA  1 
ATOM   80  C  C   . PRO A 1 13 ? 10.282  -3.906  4.662   1.00 30.47 ? 12  PRO A C   1 
ATOM   81  O  O   . PRO A 1 13 ? 10.257  -4.519  5.735   1.00 30.24 ? 12  PRO A O   1 
ATOM   82  C  CB  . PRO A 1 13 ? 12.111  -5.029  3.350   1.00 30.85 ? 12  PRO A CB  1 
ATOM   83  C  CG  . PRO A 1 13 ? 13.586  -4.970  3.499   1.00 31.58 ? 12  PRO A CG  1 
ATOM   84  C  CD  . PRO A 1 13 ? 13.823  -4.224  4.766   1.00 31.29 ? 12  PRO A CD  1 
ATOM   85  N  N   . TRP A 1 14 ? 9.205   -3.394  4.066   1.00 30.25 ? 13  TRP A N   1 
ATOM   86  C  CA  . TRP A 1 14 ? 7.849   -3.472  4.629   1.00 30.26 ? 13  TRP A CA  1 
ATOM   87  C  C   . TRP A 1 14 ? 7.235   -4.858  4.453   1.00 30.44 ? 13  TRP A C   1 
ATOM   88  O  O   . TRP A 1 14 ? 6.353   -5.255  5.219   1.00 30.93 ? 13  TRP A O   1 
ATOM   89  C  CB  . TRP A 1 14 ? 6.937   -2.408  4.005   1.00 30.96 ? 13  TRP A CB  1 
ATOM   90  C  CG  . TRP A 1 14 ? 7.496   -1.007  4.104   1.00 31.03 ? 13  TRP A CG  1 
ATOM   91  C  CD1 . TRP A 1 14 ? 8.043   -0.272  3.092   1.00 31.05 ? 13  TRP A CD1 1 
ATOM   92  C  CD2 . TRP A 1 14 ? 7.590   -0.197  5.282   1.00 30.70 ? 13  TRP A CD2 1 
ATOM   93  N  NE1 . TRP A 1 14 ? 8.468   0.949   3.565   1.00 30.85 ? 13  TRP A NE1 1 
ATOM   94  C  CE2 . TRP A 1 14 ? 8.206   1.020   4.906   1.00 30.90 ? 13  TRP A CE2 1 
ATOM   95  C  CE3 . TRP A 1 14 ? 7.216   -0.379  6.621   1.00 31.62 ? 13  TRP A CE3 1 
ATOM   96  C  CZ2 . TRP A 1 14 ? 8.447   2.058   5.823   1.00 30.63 ? 13  TRP A CZ2 1 
ATOM   97  C  CZ3 . TRP A 1 14 ? 7.450   0.661   7.528   1.00 30.56 ? 13  TRP A CZ3 1 
ATOM   98  C  CH2 . TRP A 1 14 ? 8.057   1.854   7.125   1.00 30.87 ? 13  TRP A CH2 1 
ATOM   99  N  N   . GLY A 1 15 ? 7.696   -5.583  3.439   1.00 29.71 ? 14  GLY A N   1 
ATOM   100 C  CA  . GLY A 1 15 ? 7.247   -6.957  3.200   1.00 29.07 ? 14  GLY A CA  1 
ATOM   101 C  C   . GLY A 1 15 ? 5.998   -7.067  2.348   1.00 28.69 ? 14  GLY A C   1 
ATOM   102 O  O   . GLY A 1 15 ? 5.136   -7.904  2.619   1.00 28.22 ? 14  GLY A O   1 
ATOM   103 N  N   . PHE A 1 16 ? 5.888   -6.213  1.330   1.00 28.41 ? 15  PHE A N   1 
ATOM   104 C  CA  . PHE A 1 16 ? 4.818   -6.342  0.333   1.00 28.76 ? 15  PHE A CA  1 
ATOM   105 C  C   . PHE A 1 16 ? 5.230   -5.837  -1.049  1.00 29.09 ? 15  PHE A C   1 
ATOM   106 O  O   . PHE A 1 16 ? 6.279   -5.214  -1.210  1.00 29.16 ? 15  PHE A O   1 
ATOM   107 C  CB  . PHE A 1 16 ? 3.493   -5.700  0.815   1.00 28.48 ? 15  PHE A CB  1 
ATOM   108 C  CG  . PHE A 1 16 ? 3.489   -4.186  0.845   1.00 28.70 ? 15  PHE A CG  1 
ATOM   109 C  CD1 . PHE A 1 16 ? 4.104   -3.489  1.881   1.00 29.46 ? 15  PHE A CD1 1 
ATOM   110 C  CD2 . PHE A 1 16 ? 2.811   -3.457  -0.134  1.00 27.35 ? 15  PHE A CD2 1 
ATOM   111 C  CE1 . PHE A 1 16 ? 4.060   -2.084  1.945   1.00 28.80 ? 15  PHE A CE1 1 
ATOM   112 C  CE2 . PHE A 1 16 ? 2.757   -2.044  -0.074  1.00 29.02 ? 15  PHE A CE2 1 
ATOM   113 C  CZ  . PHE A 1 16 ? 3.398   -1.361  0.962   1.00 28.16 ? 15  PHE A CZ  1 
ATOM   114 N  N   . ARG A 1 17 ? 4.404   -6.135  -2.045  1.00 29.35 ? 16  ARG A N   1 
ATOM   115 C  CA  . ARG A 1 17 ? 4.620   -5.667  -3.400  1.00 30.34 ? 16  ARG A CA  1 
ATOM   116 C  C   . ARG A 1 17 ? 3.348   -4.975  -3.902  1.00 29.45 ? 16  ARG A C   1 
ATOM   117 O  O   . ARG A 1 17 ? 2.240   -5.269  -3.428  1.00 29.36 ? 16  ARG A O   1 
ATOM   118 C  CB  . ARG A 1 17 ? 4.986   -6.855  -4.295  1.00 30.11 ? 16  ARG A CB  1 
ATOM   119 C  CG  . ARG A 1 17 ? 5.938   -6.526  -5.429  1.00 31.81 ? 16  ARG A CG  1 
ATOM   120 C  CD  . ARG A 1 17 ? 6.729   -7.760  -5.947  1.00 32.70 ? 16  ARG A CD  1 
ATOM   121 N  NE  . ARG A 1 17 ? 5.905   -8.964  -6.041  1.00 37.09 ? 16  ARG A NE  1 
ATOM   122 C  CZ  . ARG A 1 17 ? 6.372   -10.199 -6.203  1.00 39.78 ? 16  ARG A CZ  1 
ATOM   123 N  NH1 . ARG A 1 17 ? 7.679   -10.427 -6.302  1.00 40.99 ? 16  ARG A NH1 1 
ATOM   124 N  NH2 . ARG A 1 17 ? 5.525   -11.223 -6.269  1.00 41.41 ? 16  ARG A NH2 1 
ATOM   125 N  N   . ILE A 1 18 ? 3.514   -4.057  -4.851  1.00 29.30 ? 17  ILE A N   1 
ATOM   126 C  CA  . ILE A 1 18 ? 2.392   -3.362  -5.481  1.00 29.00 ? 17  ILE A CA  1 
ATOM   127 C  C   . ILE A 1 18 ? 2.392   -3.433  -7.007  1.00 29.57 ? 17  ILE A C   1 
ATOM   128 O  O   . ILE A 1 18 ? 3.417   -3.714  -7.648  1.00 29.69 ? 17  ILE A O   1 
ATOM   129 C  CB  . ILE A 1 18 ? 2.263   -1.853  -5.046  1.00 28.63 ? 17  ILE A CB  1 
ATOM   130 C  CG1 . ILE A 1 18 ? 3.483   -1.034  -5.512  1.00 28.25 ? 17  ILE A CG1 1 
ATOM   131 C  CG2 . ILE A 1 18 ? 1.911   -1.704  -3.533  1.00 28.29 ? 17  ILE A CG2 1 
ATOM   132 C  CD1 . ILE A 1 18 ? 3.342   0.484   -5.276  1.00 27.75 ? 17  ILE A CD1 1 
ATOM   133 N  N   . THR A 1 19 ? 1.217   -3.179  -7.572  1.00 30.12 ? 18  THR A N   1 
ATOM   134 C  CA  . THR A 1 19 ? 1.026   -3.109  -9.012  1.00 30.69 ? 18  THR A CA  1 
ATOM   135 C  C   . THR A 1 19 ? 0.188   -1.869  -9.311  1.00 30.56 ? 18  THR A C   1 
ATOM   136 O  O   . THR A 1 19 ? -0.476  -1.331  -8.415  1.00 30.54 ? 18  THR A O   1 
ATOM   137 C  CB  . THR A 1 19 ? 0.321   -4.386  -9.544  1.00 30.93 ? 18  THR A CB  1 
ATOM   138 O  OG1 . THR A 1 19 ? 0.609   -4.570  -10.934 1.00 32.96 ? 18  THR A OG1 1 
ATOM   139 C  CG2 . THR A 1 19 ? -1.201  -4.333  -9.338  1.00 30.72 ? 18  THR A CG2 1 
ATOM   140 N  N   . GLY A 1 20 ? 0.242   -1.416  -10.557 1.00 30.32 ? 19  GLY A N   1 
ATOM   141 C  CA  . GLY A 1 20 ? -0.638  -0.373  -11.042 1.00 30.42 ? 19  GLY A CA  1 
ATOM   142 C  C   . GLY A 1 20 ? -0.088  1.023   -10.841 1.00 30.52 ? 19  GLY A C   1 
ATOM   143 O  O   . GLY A 1 20 ? 1.069   1.207   -10.455 1.00 30.72 ? 19  GLY A O   1 
ATOM   144 N  N   . GLY A 1 21 ? -0.932  2.008   -11.107 1.00 30.13 ? 20  GLY A N   1 
ATOM   145 C  CA  . GLY A 1 21 ? -0.521  3.403   -11.107 1.00 30.17 ? 20  GLY A CA  1 
ATOM   146 C  C   . GLY A 1 21 ? -1.063  4.077   -12.352 1.00 30.10 ? 20  GLY A C   1 
ATOM   147 O  O   . GLY A 1 21 ? -1.602  3.418   -13.239 1.00 29.88 ? 20  GLY A O   1 
ATOM   148 N  N   . ARG A 1 22 ? -0.923  5.396   -12.405 1.00 30.19 ? 21  ARG A N   1 
ATOM   149 C  CA  . ARG A 1 22 ? -1.439  6.207   -13.504 1.00 30.77 ? 21  ARG A CA  1 
ATOM   150 C  C   . ARG A 1 22 ? -0.895  5.774   -14.878 1.00 30.71 ? 21  ARG A C   1 
ATOM   151 O  O   . ARG A 1 22 ? -1.652  5.678   -15.849 1.00 30.88 ? 21  ARG A O   1 
ATOM   152 C  CB  . ARG A 1 22 ? -1.159  7.688   -13.220 1.00 30.72 ? 21  ARG A CB  1 
ATOM   153 C  CG  . ARG A 1 22 ? -1.549  8.647   -14.325 1.00 31.56 ? 21  ARG A CG  1 
ATOM   154 C  CD  . ARG A 1 22 ? -1.510  10.099  -13.864 1.00 31.78 ? 21  ARG A CD  1 
ATOM   155 N  NE  . ARG A 1 22 ? -0.216  10.512  -13.313 1.00 33.81 ? 21  ARG A NE  1 
ATOM   156 C  CZ  . ARG A 1 22 ? 0.816   10.941  -14.035 1.00 34.14 ? 21  ARG A CZ  1 
ATOM   157 N  NH1 . ARG A 1 22 ? 0.739   10.994  -15.357 1.00 33.75 ? 21  ARG A NH1 1 
ATOM   158 N  NH2 . ARG A 1 22 ? 1.937   11.308  -13.430 1.00 34.46 ? 21  ARG A NH2 1 
ATOM   159 N  N   . ASP A 1 23 ? 0.404   5.483   -14.943 1.00 30.37 ? 22  ASP A N   1 
ATOM   160 C  CA  . ASP A 1 23 ? 1.043   5.031   -16.193 1.00 30.50 ? 22  ASP A CA  1 
ATOM   161 C  C   . ASP A 1 23 ? 0.657   3.601   -16.619 1.00 30.52 ? 22  ASP A C   1 
ATOM   162 O  O   . ASP A 1 23 ? 1.009   3.155   -17.712 1.00 31.18 ? 22  ASP A O   1 
ATOM   163 C  CB  . ASP A 1 23 ? 2.569   5.206   -16.126 1.00 30.24 ? 22  ASP A CB  1 
ATOM   164 C  CG  . ASP A 1 23 ? 3.184   4.705   -14.814 1.00 30.00 ? 22  ASP A CG  1 
ATOM   165 O  OD1 . ASP A 1 23 ? 2.460   4.378   -13.845 1.00 30.40 ? 22  ASP A OD1 1 
ATOM   166 O  OD2 . ASP A 1 23 ? 4.424   4.654   -14.753 1.00 30.80 ? 22  ASP A OD2 1 
ATOM   167 N  N   . PHE A 1 24 ? -0.069  2.900   -15.753 1.00 30.92 ? 23  PHE A N   1 
ATOM   168 C  CA  . PHE A 1 24 ? -0.614  1.580   -16.070 1.00 31.02 ? 23  PHE A CA  1 
ATOM   169 C  C   . PHE A 1 24 ? -2.143  1.640   -16.165 1.00 31.44 ? 23  PHE A C   1 
ATOM   170 O  O   . PHE A 1 24 ? -2.805  0.622   -16.388 1.00 31.02 ? 23  PHE A O   1 
ATOM   171 C  CB  . PHE A 1 24 ? -0.163  0.542   -15.033 1.00 31.03 ? 23  PHE A CB  1 
ATOM   172 C  CG  . PHE A 1 24 ? 1.298   0.173   -15.127 1.00 30.65 ? 23  PHE A CG  1 
ATOM   173 C  CD1 . PHE A 1 24 ? 2.258   0.859   -14.393 1.00 30.17 ? 23  PHE A CD1 1 
ATOM   174 C  CD2 . PHE A 1 24 ? 1.714   -0.864  -15.951 1.00 31.91 ? 23  PHE A CD2 1 
ATOM   175 C  CE1 . PHE A 1 24 ? 3.615   0.516   -14.486 1.00 28.78 ? 23  PHE A CE1 1 
ATOM   176 C  CE2 . PHE A 1 24 ? 3.068   -1.209  -16.053 1.00 30.98 ? 23  PHE A CE2 1 
ATOM   177 C  CZ  . PHE A 1 24 ? 4.016   -0.523  -15.311 1.00 30.69 ? 23  PHE A CZ  1 
ATOM   178 N  N   . HIS A 1 25 ? -2.687  2.845   -15.992 1.00 32.49 ? 24  HIS A N   1 
ATOM   179 C  CA  . HIS A 1 25 ? -4.139  3.106   -16.005 1.00 33.60 ? 24  HIS A CA  1 
ATOM   180 C  C   . HIS A 1 25 ? -4.958  2.171   -15.091 1.00 34.16 ? 24  HIS A C   1 
ATOM   181 O  O   . HIS A 1 25 ? -6.066  1.753   -15.441 1.00 34.32 ? 24  HIS A O   1 
ATOM   182 C  CB  . HIS A 1 25 ? -4.689  3.102   -17.443 1.00 33.65 ? 24  HIS A CB  1 
ATOM   183 C  CG  . HIS A 1 25 ? -3.873  3.910   -18.406 1.00 33.82 ? 24  HIS A CG  1 
ATOM   184 N  ND1 . HIS A 1 25 ? -3.805  5.287   -18.353 1.00 33.76 ? 24  HIS A ND1 1 
ATOM   185 C  CD2 . HIS A 1 25 ? -3.090  3.535   -19.444 1.00 33.57 ? 24  HIS A CD2 1 
ATOM   186 C  CE1 . HIS A 1 25 ? -3.014  5.724   -19.316 1.00 33.69 ? 24  HIS A CE1 1 
ATOM   187 N  NE2 . HIS A 1 25 ? -2.570  4.681   -19.996 1.00 33.87 ? 24  HIS A NE2 1 
ATOM   188 N  N   . THR A 1 26 ? -4.398  1.853   -13.925 1.00 34.82 ? 25  THR A N   1 
ATOM   189 C  CA  . THR A 1 26 ? -5.049  0.986   -12.939 1.00 35.50 ? 25  THR A CA  1 
ATOM   190 C  C   . THR A 1 26 ? -4.778  1.512   -11.520 1.00 35.30 ? 25  THR A C   1 
ATOM   191 O  O   . THR A 1 26 ? -3.774  2.198   -11.293 1.00 35.10 ? 25  THR A O   1 
ATOM   192 C  CB  . THR A 1 26 ? -4.574  -0.495  -13.053 1.00 35.69 ? 25  THR A CB  1 
ATOM   193 O  OG1 . THR A 1 26 ? -3.142  -0.555  -13.035 1.00 36.90 ? 25  THR A OG1 1 
ATOM   194 C  CG2 . THR A 1 26 ? -5.081  -1.152  -14.332 1.00 36.82 ? 25  THR A CG2 1 
ATOM   195 N  N   . PRO A 1 27 ? -5.680  1.218   -10.557 1.00 35.28 ? 26  PRO A N   1 
ATOM   196 C  CA  . PRO A 1 27 ? -5.396  1.629   -9.187  1.00 35.25 ? 26  PRO A CA  1 
ATOM   197 C  C   . PRO A 1 27 ? -4.169  0.908   -8.648  1.00 35.07 ? 26  PRO A C   1 
ATOM   198 O  O   . PRO A 1 27 ? -3.832  -0.190  -9.117  1.00 35.22 ? 26  PRO A O   1 
ATOM   199 C  CB  . PRO A 1 27 ? -6.644  1.175   -8.419  1.00 35.00 ? 26  PRO A CB  1 
ATOM   200 C  CG  . PRO A 1 27 ? -7.214  0.086   -9.240  1.00 35.80 ? 26  PRO A CG  1 
ATOM   201 C  CD  . PRO A 1 27 ? -6.975  0.519   -10.653 1.00 35.47 ? 26  PRO A CD  1 
ATOM   202 N  N   . ILE A 1 28 ? -3.505  1.530   -7.686  1.00 34.91 ? 27  ILE A N   1 
ATOM   203 C  CA  . ILE A 1 28 ? -2.393  0.902   -6.982  1.00 34.99 ? 27  ILE A CA  1 
ATOM   204 C  C   . ILE A 1 28 ? -2.956  -0.171  -6.062  1.00 34.54 ? 27  ILE A C   1 
ATOM   205 O  O   . ILE A 1 28 ? -3.829  0.102   -5.227  1.00 34.63 ? 27  ILE A O   1 
ATOM   206 C  CB  . ILE A 1 28 ? -1.564  1.938   -6.198  1.00 34.99 ? 27  ILE A CB  1 
ATOM   207 C  CG1 . ILE A 1 28 ? -0.888  2.901   -7.187  1.00 36.80 ? 27  ILE A CG1 1 
ATOM   208 C  CG2 . ILE A 1 28 ? -0.532  1.256   -5.316  1.00 34.67 ? 27  ILE A CG2 1 
ATOM   209 C  CD1 . ILE A 1 28 ? -0.489  4.211   -6.594  1.00 39.31 ? 27  ILE A CD1 1 
ATOM   210 N  N   . MET A 1 29 ? -2.458  -1.389  -6.236  1.00 34.10 ? 28  MET A N   1 
ATOM   211 C  CA  . MET A 1 29 ? -2.981  -2.548  -5.538  1.00 33.78 ? 28  MET A CA  1 
ATOM   212 C  C   . MET A 1 29 ? -1.855  -3.401  -4.968  1.00 32.61 ? 28  MET A C   1 
ATOM   213 O  O   . MET A 1 29 ? -0.832  -3.626  -5.623  1.00 32.68 ? 28  MET A O   1 
ATOM   214 C  CB  . MET A 1 29 ? -3.884  -3.356  -6.484  1.00 33.51 ? 28  MET A CB  1 
ATOM   215 C  CG  . MET A 1 29 ? -4.361  -4.706  -5.966  1.00 34.57 ? 28  MET A CG  1 
ATOM   216 S  SD  . MET A 1 29 ? -5.316  -5.617  -7.217  1.00 35.74 ? 28  MET A SD  1 
ATOM   217 C  CE  . MET A 1 29 ? -4.709  -7.291  -6.993  1.00 35.67 ? 28  MET A CE  1 
ATOM   218 N  N   . VAL A 1 30 ? -2.057  -3.873  -3.741  1.00 31.52 ? 29  VAL A N   1 
ATOM   219 C  CA  . VAL A 1 30 ? -1.153  -4.834  -3.103  1.00 31.34 ? 29  VAL A CA  1 
ATOM   220 C  C   . VAL A 1 30 ? -1.300  -6.189  -3.798  1.00 31.88 ? 29  VAL A C   1 
ATOM   221 O  O   . VAL A 1 30 ? -2.408  -6.699  -3.953  1.00 31.78 ? 29  VAL A O   1 
ATOM   222 C  CB  . VAL A 1 30 ? -1.454  -4.979  -1.585  1.00 31.62 ? 29  VAL A CB  1 
ATOM   223 C  CG1 . VAL A 1 30 ? -0.506  -5.977  -0.943  1.00 30.66 ? 29  VAL A CG1 1 
ATOM   224 C  CG2 . VAL A 1 30 ? -1.342  -3.647  -0.901  1.00 29.63 ? 29  VAL A CG2 1 
ATOM   225 N  N   . THR A 1 31 ? -0.179  -6.765  -4.224  1.00 32.38 ? 30  THR A N   1 
ATOM   226 C  CA  . THR A 1 31 ? -0.200  -8.046  -4.933  1.00 33.08 ? 30  THR A CA  1 
ATOM   227 C  C   . THR A 1 31 ? 0.335   -9.206  -4.100  1.00 33.37 ? 30  THR A C   1 
ATOM   228 O  O   . THR A 1 31 ? -0.211  -10.314 -4.148  1.00 34.34 ? 30  THR A O   1 
ATOM   229 C  CB  . THR A 1 31 ? 0.593   -7.998  -6.261  1.00 33.33 ? 30  THR A CB  1 
ATOM   230 O  OG1 . THR A 1 31 ? 1.935   -7.557  -6.013  1.00 32.90 ? 30  THR A OG1 1 
ATOM   231 C  CG2 . THR A 1 31 ? -0.078  -7.064  -7.250  1.00 33.87 ? 30  THR A CG2 1 
ATOM   232 N  N   . LYS A 1 32 ? 1.423   -8.966  -3.380  1.00 32.91 ? 31  LYS A N   1 
ATOM   233 C  CA  . LYS A 1 32 ? 2.051   -10.004 -2.573  1.00 32.57 ? 31  LYS A CA  1 
ATOM   234 C  C   . LYS A 1 32 ? 2.270   -9.445  -1.177  1.00 32.08 ? 31  LYS A C   1 
ATOM   235 O  O   . LYS A 1 32 ? 2.632   -8.275  -1.021  1.00 32.03 ? 31  LYS A O   1 
ATOM   236 C  CB  . LYS A 1 32 ? 3.389   -10.430 -3.193  1.00 32.54 ? 31  LYS A CB  1 
ATOM   237 C  CG  . LYS A 1 32 ? 3.937   -11.756 -2.681  1.00 34.43 ? 31  LYS A CG  1 
ATOM   238 N  N   . VAL A 1 33 ? 2.039   -10.269 -0.163  1.00 31.00 ? 32  VAL A N   1 
ATOM   239 C  CA  . VAL A 1 33 ? 2.429   -9.898  1.195   1.00 30.42 ? 32  VAL A CA  1 
ATOM   240 C  C   . VAL A 1 33 ? 3.301   -11.011 1.762   1.00 30.30 ? 32  VAL A C   1 
ATOM   241 O  O   . VAL A 1 33 ? 2.864   -12.163 1.845   1.00 30.11 ? 32  VAL A O   1 
ATOM   242 C  CB  . VAL A 1 33 ? 1.205   -9.624  2.133   1.00 30.10 ? 32  VAL A CB  1 
ATOM   243 C  CG1 . VAL A 1 33 ? 1.685   -9.236  3.521   1.00 29.49 ? 32  VAL A CG1 1 
ATOM   244 C  CG2 . VAL A 1 33 ? 0.301   -8.544  1.559   1.00 30.11 ? 32  VAL A CG2 1 
ATOM   245 N  N   . ALA A 1 34 ? 4.535   -10.667 2.135   1.00 30.17 ? 33  ALA A N   1 
ATOM   246 C  CA  . ALA A 1 34 ? 5.493   -11.651 2.652   1.00 30.20 ? 33  ALA A CA  1 
ATOM   247 C  C   . ALA A 1 34 ? 4.924   -12.357 3.879   1.00 30.26 ? 33  ALA A C   1 
ATOM   248 O  O   . ALA A 1 34 ? 4.362   -11.705 4.768   1.00 30.20 ? 33  ALA A O   1 
ATOM   249 C  CB  . ALA A 1 34 ? 6.813   -10.975 2.986   1.00 30.49 ? 33  ALA A CB  1 
ATOM   250 N  N   . GLU A 1 35 ? 5.057   -13.684 3.912   1.00 30.27 ? 34  GLU A N   1 
ATOM   251 C  CA  . GLU A 1 35 ? 4.470   -14.503 4.984   1.00 30.95 ? 34  GLU A CA  1 
ATOM   252 C  C   . GLU A 1 35 ? 4.924   -14.047 6.366   1.00 31.10 ? 34  GLU A C   1 
ATOM   253 O  O   . GLU A 1 35 ? 4.111   -13.936 7.285   1.00 31.64 ? 34  GLU A O   1 
ATOM   254 C  CB  . GLU A 1 35 ? 4.777   -15.990 4.770   1.00 30.76 ? 34  GLU A CB  1 
ATOM   255 N  N   . ARG A 1 36 ? 6.221   -13.782 6.499   1.00 31.26 ? 35  ARG A N   1 
ATOM   256 C  CA  . ARG A 1 36 ? 6.767   -13.136 7.682   1.00 31.55 ? 35  ARG A CA  1 
ATOM   257 C  C   . ARG A 1 36 ? 7.250   -11.740 7.296   1.00 31.73 ? 35  ARG A C   1 
ATOM   258 O  O   . ARG A 1 36 ? 8.203   -11.590 6.525   1.00 32.46 ? 35  ARG A O   1 
ATOM   259 C  CB  . ARG A 1 36 ? 7.901   -13.975 8.282   1.00 31.67 ? 35  ARG A CB  1 
ATOM   260 N  N   . GLY A 1 37 ? 6.571   -10.719 7.804   1.00 31.49 ? 36  GLY A N   1 
ATOM   261 C  CA  . GLY A 1 37 ? 6.971   -9.344  7.542   1.00 31.23 ? 36  GLY A CA  1 
ATOM   262 C  C   . GLY A 1 37 ? 6.075   -8.329  8.218   1.00 31.21 ? 36  GLY A C   1 
ATOM   263 O  O   . GLY A 1 37 ? 5.054   -8.692  8.813   1.00 31.05 ? 36  GLY A O   1 
ATOM   264 N  N   . LYS A 1 38 ? 6.470   -7.061  8.125   1.00 30.47 ? 37  LYS A N   1 
ATOM   265 C  CA  . LYS A 1 38 ? 5.756   -5.949  8.759   1.00 30.72 ? 37  LYS A CA  1 
ATOM   266 C  C   . LYS A 1 38 ? 4.341   -5.770  8.201   1.00 30.07 ? 37  LYS A C   1 
ATOM   267 O  O   . LYS A 1 38 ? 3.404   -5.547  8.967   1.00 29.72 ? 37  LYS A O   1 
ATOM   268 C  CB  . LYS A 1 38 ? 6.540   -4.638  8.622   1.00 30.99 ? 37  LYS A CB  1 
ATOM   269 C  CG  . LYS A 1 38 ? 8.007   -4.684  9.076   1.00 32.38 ? 37  LYS A CG  1 
ATOM   270 C  CD  . LYS A 1 38 ? 8.135   -4.818  10.579  1.00 34.76 ? 37  LYS A CD  1 
ATOM   271 C  CE  . LYS A 1 38 ? 9.448   -4.217  11.077  1.00 36.03 ? 37  LYS A CE  1 
ATOM   272 N  NZ  . LYS A 1 38 ? 10.652  -4.885  10.504  1.00 38.07 ? 37  LYS A NZ  1 
ATOM   273 N  N   . ALA A 1 39 ? 4.189   -5.889  6.879   1.00 29.64 ? 38  ALA A N   1 
ATOM   274 C  CA  . ALA A 1 39 ? 2.869   -5.728  6.250   1.00 28.92 ? 38  ALA A CA  1 
ATOM   275 C  C   . ALA A 1 39 ? 1.906   -6.817  6.714   1.00 28.64 ? 38  ALA A C   1 
ATOM   276 O  O   . ALA A 1 39 ? 0.738   -6.540  6.989   1.00 28.04 ? 38  ALA A O   1 
ATOM   277 C  CB  . ALA A 1 39 ? 2.971   -5.701  4.718   1.00 29.12 ? 38  ALA A CB  1 
ATOM   278 N  N   . LYS A 1 40 ? 2.403   -8.048  6.828   1.00 28.07 ? 39  LYS A N   1 
ATOM   279 C  CA  . LYS A 1 40 ? 1.570   -9.149  7.303   1.00 28.33 ? 39  LYS A CA  1 
ATOM   280 C  C   . LYS A 1 40 ? 1.142   -8.947  8.763   1.00 28.13 ? 39  LYS A C   1 
ATOM   281 O  O   . LYS A 1 40 ? -0.017  -9.203  9.103   1.00 28.00 ? 39  LYS A O   1 
ATOM   282 C  CB  . LYS A 1 40 ? 2.259   -10.499 7.081   1.00 28.05 ? 39  LYS A CB  1 
ATOM   283 C  CG  . LYS A 1 40 ? 1.318   -11.717 7.150   1.00 29.21 ? 39  LYS A CG  1 
ATOM   284 C  CD  . LYS A 1 40 ? 1.266   -12.283 8.550   1.00 30.90 ? 39  LYS A CD  1 
ATOM   285 N  N   . ASP A 1 41 ? 2.067   -8.469  9.601   1.00 28.04 ? 40  ASP A N   1 
ATOM   286 C  CA  . ASP A 1 41 ? 1.772   -8.112  11.001  1.00 28.58 ? 40  ASP A CA  1 
ATOM   287 C  C   . ASP A 1 41 ? 0.620   -7.097  11.111  1.00 28.03 ? 40  ASP A C   1 
ATOM   288 O  O   . ASP A 1 41 ? -0.203  -7.189  12.026  1.00 27.91 ? 40  ASP A O   1 
ATOM   289 C  CB  . ASP A 1 41 ? 3.006   -7.520  11.700  1.00 28.84 ? 40  ASP A CB  1 
ATOM   290 C  CG  . ASP A 1 41 ? 4.099   -8.548  11.981  1.00 30.14 ? 40  ASP A CG  1 
ATOM   291 O  OD1 . ASP A 1 41 ? 3.847   -9.775  11.931  1.00 30.66 ? 40  ASP A OD1 1 
ATOM   292 O  OD2 . ASP A 1 41 ? 5.229   -8.104  12.284  1.00 31.11 ? 40  ASP A OD2 1 
ATOM   293 N  N   . ALA A 1 42 ? 0.587   -6.152  10.169  1.00 27.60 ? 41  ALA A N   1 
ATOM   294 C  CA  . ALA A 1 42 ? -0.381  -5.045  10.120  1.00 27.59 ? 41  ALA A CA  1 
ATOM   295 C  C   . ALA A 1 42 ? -1.681  -5.412  9.412   1.00 27.42 ? 41  ALA A C   1 
ATOM   296 O  O   . ALA A 1 42 ? -2.590  -4.583  9.307   1.00 27.46 ? 41  ALA A O   1 
ATOM   297 C  CB  . ALA A 1 42 ? 0.261   -3.829  9.436   1.00 26.96 ? 41  ALA A CB  1 
ATOM   298 N  N   . ASP A 1 43 ? -1.769  -6.657  8.942   1.00 27.09 ? 42  ASP A N   1 
ATOM   299 C  CA  . ASP A 1 43 ? -2.927  -7.172  8.198   1.00 27.38 ? 42  ASP A CA  1 
ATOM   300 C  C   . ASP A 1 43 ? -3.199  -6.422  6.881   1.00 27.54 ? 42  ASP A C   1 
ATOM   301 O  O   . ASP A 1 43 ? -4.353  -6.204  6.498   1.00 28.26 ? 42  ASP A O   1 
ATOM   302 C  CB  . ASP A 1 43 ? -4.182  -7.275  9.097   1.00 27.14 ? 42  ASP A CB  1 
ATOM   303 C  CG  . ASP A 1 43 ? -5.270  -8.187  8.515   1.00 27.69 ? 42  ASP A CG  1 
ATOM   304 O  OD1 . ASP A 1 43 ? -4.962  -9.080  7.691   1.00 27.17 ? 42  ASP A OD1 1 
ATOM   305 O  OD2 . ASP A 1 43 ? -6.448  -8.025  8.910   1.00 27.16 ? 42  ASP A OD2 1 
ATOM   306 N  N   . LEU A 1 44 ? -2.125  -6.036  6.191   1.00 28.20 ? 43  LEU A N   1 
ATOM   307 C  CA  . LEU A 1 44 ? -2.213  -5.652  4.783   1.00 28.14 ? 43  LEU A CA  1 
ATOM   308 C  C   . LEU A 1 44 ? -2.420  -6.944  3.985   1.00 28.08 ? 43  LEU A C   1 
ATOM   309 O  O   . LEU A 1 44 ? -1.797  -7.962  4.280   1.00 28.36 ? 43  LEU A O   1 
ATOM   310 C  CB  . LEU A 1 44 ? -0.943  -4.914  4.327   1.00 28.78 ? 43  LEU A CB  1 
ATOM   311 C  CG  . LEU A 1 44 ? -0.951  -4.244  2.949   1.00 29.21 ? 43  LEU A CG  1 
ATOM   312 C  CD1 . LEU A 1 44 ? -2.020  -3.167  2.835   1.00 26.48 ? 43  LEU A CD1 1 
ATOM   313 C  CD2 . LEU A 1 44 ? 0.406   -3.651  2.588   1.00 29.05 ? 43  LEU A CD2 1 
ATOM   314 N  N   . ARG A 1 45 ? -3.313  -6.904  3.001   1.00 27.26 ? 44  ARG A N   1 
ATOM   315 C  CA  . ARG A 1 45 ? -3.699  -8.113  2.254   1.00 27.35 ? 44  ARG A CA  1 
ATOM   316 C  C   . ARG A 1 45 ? -3.558  -7.956  0.752   1.00 27.53 ? 44  ARG A C   1 
ATOM   317 O  O   . ARG A 1 45 ? -3.810  -6.874  0.224   1.00 28.03 ? 44  ARG A O   1 
ATOM   318 C  CB  . ARG A 1 45 ? -5.150  -8.489  2.575   1.00 27.33 ? 44  ARG A CB  1 
ATOM   319 C  CG  . ARG A 1 45 ? -5.371  -8.865  4.013   1.00 26.14 ? 44  ARG A CG  1 
ATOM   320 C  CD  . ARG A 1 45 ? -6.817  -9.209  4.250   1.00 25.89 ? 44  ARG A CD  1 
ATOM   321 N  NE  . ARG A 1 45 ? -7.114  -9.281  5.678   1.00 27.61 ? 44  ARG A NE  1 
ATOM   322 C  CZ  . ARG A 1 45 ? -8.310  -9.562  6.187   1.00 27.28 ? 44  ARG A CZ  1 
ATOM   323 N  NH1 . ARG A 1 45 ? -9.350  -9.812  5.392   1.00 26.37 ? 44  ARG A NH1 1 
ATOM   324 N  NH2 . ARG A 1 45 ? -8.465  -9.605  7.500   1.00 26.94 ? 44  ARG A NH2 1 
ATOM   325 N  N   . PRO A 1 46 ? -3.182  -9.048  0.046   1.00 27.87 ? 45  PRO A N   1 
ATOM   326 C  CA  . PRO A 1 46 ? -3.230  -9.038  -1.416  1.00 28.02 ? 45  PRO A CA  1 
ATOM   327 C  C   . PRO A 1 46 ? -4.610  -8.588  -1.897  1.00 28.34 ? 45  PRO A C   1 
ATOM   328 O  O   . PRO A 1 46 ? -5.631  -9.017  -1.342  1.00 28.44 ? 45  PRO A O   1 
ATOM   329 C  CB  . PRO A 1 46 ? -3.018  -10.510 -1.780  1.00 28.10 ? 45  PRO A CB  1 
ATOM   330 C  CG  . PRO A 1 46 ? -2.196  -11.056 -0.667  1.00 28.33 ? 45  PRO A CG  1 
ATOM   331 C  CD  . PRO A 1 46 ? -2.694  -10.336 0.575   1.00 27.62 ? 45  PRO A CD  1 
ATOM   332 N  N   . GLY A 1 47 ? -4.638  -7.723  -2.905  1.00 28.08 ? 46  GLY A N   1 
ATOM   333 C  CA  . GLY A 1 47 ? -5.899  -7.202  -3.422  1.00 28.15 ? 46  GLY A CA  1 
ATOM   334 C  C   . GLY A 1 47 ? -6.345  -5.866  -2.836  1.00 28.46 ? 46  GLY A C   1 
ATOM   335 O  O   . GLY A 1 47 ? -7.196  -5.189  -3.429  1.00 28.32 ? 46  GLY A O   1 
ATOM   336 N  N   . ASP A 1 48 ? -5.794  -5.488  -1.677  1.00 28.28 ? 47  ASP A N   1 
ATOM   337 C  CA  . ASP A 1 48 ? -6.101  -4.190  -1.056  1.00 28.40 ? 47  ASP A CA  1 
ATOM   338 C  C   . ASP A 1 48 ? -5.688  -3.092  -2.025  1.00 28.88 ? 47  ASP A C   1 
ATOM   339 O  O   . ASP A 1 48 ? -4.593  -3.143  -2.609  1.00 29.35 ? 47  ASP A O   1 
ATOM   340 C  CB  . ASP A 1 48 ? -5.339  -4.005  0.267   1.00 28.18 ? 47  ASP A CB  1 
ATOM   341 C  CG  . ASP A 1 48 ? -5.923  -4.816  1.417   1.00 27.35 ? 47  ASP A CG  1 
ATOM   342 O  OD1 . ASP A 1 48 ? -7.046  -5.359  1.299   1.00 29.72 ? 47  ASP A OD1 1 
ATOM   343 O  OD2 . ASP A 1 48 ? -5.241  -4.912  2.450   1.00 28.34 ? 47  ASP A OD2 1 
ATOM   344 N  N   . ILE A 1 49 ? -6.578  -2.135  -2.236  1.00 29.07 ? 48  ILE A N   1 
ATOM   345 C  CA  . ILE A 1 49 ? -6.261  -0.978  -3.067  1.00 29.87 ? 48  ILE A CA  1 
ATOM   346 C  C   . ILE A 1 49 ? -5.706  0.133   -2.179  1.00 29.05 ? 48  ILE A C   1 
ATOM   347 O  O   . ILE A 1 49 ? -6.331  0.539   -1.188  1.00 29.98 ? 48  ILE A O   1 
ATOM   348 C  CB  . ILE A 1 49 ? -7.491  -0.467  -3.871  1.00 29.58 ? 48  ILE A CB  1 
ATOM   349 C  CG1 . ILE A 1 49 ? -7.871  -1.480  -4.964  1.00 29.64 ? 48  ILE A CG1 1 
ATOM   350 C  CG2 . ILE A 1 49 ? -7.206  0.910   -4.491  1.00 30.36 ? 48  ILE A CG2 1 
ATOM   351 C  CD1 . ILE A 1 49 ? -9.193  -1.182  -5.641  1.00 30.50 ? 48  ILE A CD1 1 
ATOM   352 N  N   . ILE A 1 50 ? -4.530  0.627   -2.537  1.00 29.04 ? 49  ILE A N   1 
ATOM   353 C  CA  . ILE A 1 50 ? -3.931  1.751   -1.821  1.00 28.68 ? 49  ILE A CA  1 
ATOM   354 C  C   . ILE A 1 50 ? -4.529  3.076   -2.326  1.00 28.71 ? 49  ILE A C   1 
ATOM   355 O  O   . ILE A 1 50 ? -4.302  3.480   -3.477  1.00 28.85 ? 49  ILE A O   1 
ATOM   356 C  CB  . ILE A 1 50 ? -2.379  1.728   -1.890  1.00 28.21 ? 49  ILE A CB  1 
ATOM   357 C  CG1 . ILE A 1 50 ? -1.828  0.450   -1.221  1.00 28.18 ? 49  ILE A CG1 1 
ATOM   358 C  CG2 . ILE A 1 50 ? -1.784  2.999   -1.235  1.00 28.53 ? 49  ILE A CG2 1 
ATOM   359 C  CD1 . ILE A 1 50 ? -0.315  0.219   -1.375  1.00 28.89 ? 49  ILE A CD1 1 
ATOM   360 N  N   . VAL A 1 51 ? -5.297  3.727   -1.451  1.00 28.08 ? 50  VAL A N   1 
ATOM   361 C  CA  . VAL A 1 51 ? -5.970  5.003   -1.740  1.00 28.44 ? 50  VAL A CA  1 
ATOM   362 C  C   . VAL A 1 51 ? -5.077  6.200   -1.383  1.00 28.11 ? 50  VAL A C   1 
ATOM   363 O  O   . VAL A 1 51 ? -5.113  7.237   -2.054  1.00 27.77 ? 50  VAL A O   1 
ATOM   364 C  CB  . VAL A 1 51 ? -7.338  5.070   -1.003  1.00 28.42 ? 50  VAL A CB  1 
ATOM   365 C  CG1 . VAL A 1 51 ? -7.956  6.438   -1.108  1.00 29.40 ? 50  VAL A CG1 1 
ATOM   366 C  CG2 . VAL A 1 51 ? -8.290  4.022   -1.585  1.00 30.21 ? 50  VAL A CG2 1 
ATOM   367 N  N   . ALA A 1 52 ? -4.271  6.047   -0.334  1.00 28.24 ? 51  ALA A N   1 
ATOM   368 C  CA  . ALA A 1 52 ? -3.341  7.101   0.095   1.00 28.23 ? 51  ALA A CA  1 
ATOM   369 C  C   . ALA A 1 52 ? -2.095  6.504   0.745   1.00 28.56 ? 51  ALA A C   1 
ATOM   370 O  O   . ALA A 1 52 ? -2.147  5.439   1.381   1.00 28.84 ? 51  ALA A O   1 
ATOM   371 C  CB  . ALA A 1 52 ? -4.020  8.105   1.046   1.00 28.85 ? 51  ALA A CB  1 
ATOM   372 N  N   . ILE A 1 53 ? -0.977  7.196   0.548   1.00 28.06 ? 52  ILE A N   1 
ATOM   373 C  CA  . ILE A 1 53 ? 0.311   6.841   1.164   1.00 28.02 ? 52  ILE A CA  1 
ATOM   374 C  C   . ILE A 1 53 ? 0.741   8.063   1.968   1.00 27.85 ? 52  ILE A C   1 
ATOM   375 O  O   . ILE A 1 53 ? 1.009   9.126   1.386   1.00 27.73 ? 52  ILE A O   1 
ATOM   376 C  CB  . ILE A 1 53 ? 1.406   6.503   0.104   1.00 28.33 ? 52  ILE A CB  1 
ATOM   377 C  CG1 . ILE A 1 53 ? 0.969   5.334   -0.797  1.00 28.40 ? 52  ILE A CG1 1 
ATOM   378 C  CG2 . ILE A 1 53 ? 2.761   6.240   0.789   1.00 28.10 ? 52  ILE A CG2 1 
ATOM   379 C  CD1 . ILE A 1 53 ? 1.762   5.167   -2.140  1.00 27.07 ? 52  ILE A CD1 1 
ATOM   380 N  N   . ASN A 1 54 ? 0.792   7.914   3.293   1.00 27.49 ? 53  ASN A N   1 
ATOM   381 C  CA  . ASN A 1 54 ? 1.136   9.013   4.203   1.00 28.26 ? 53  ASN A CA  1 
ATOM   382 C  C   . ASN A 1 54 ? 0.317   10.285  3.939   1.00 28.96 ? 53  ASN A C   1 
ATOM   383 O  O   . ASN A 1 54 ? 0.849   11.395  3.890   1.00 29.10 ? 53  ASN A O   1 
ATOM   384 C  CB  . ASN A 1 54 ? 2.650   9.262   4.188   1.00 27.67 ? 53  ASN A CB  1 
ATOM   385 C  CG  . ASN A 1 54 ? 3.431   8.054   4.671   1.00 27.47 ? 53  ASN A CG  1 
ATOM   386 O  OD1 . ASN A 1 54 ? 2.977   7.335   5.580   1.00 27.43 ? 53  ASN A OD1 1 
ATOM   387 N  ND2 . ASN A 1 54 ? 4.580   7.804   4.054   1.00 27.43 ? 53  ASN A ND2 1 
ATOM   388 N  N   . GLY A 1 55 ? -0.991  10.093  3.753   1.00 30.01 ? 54  GLY A N   1 
ATOM   389 C  CA  . GLY A 1 55 ? -1.908  11.198  3.515   1.00 30.22 ? 54  GLY A CA  1 
ATOM   390 C  C   . GLY A 1 55 ? -1.979  11.661  2.072   1.00 31.05 ? 54  GLY A C   1 
ATOM   391 O  O   . GLY A 1 55 ? -2.896  12.391  1.713   1.00 30.71 ? 54  GLY A O   1 
ATOM   392 N  N   . GLU A 1 56 ? -1.032  11.238  1.236   1.00 30.76 ? 55  GLU A N   1 
ATOM   393 C  CA  . GLU A 1 56 ? -1.002  11.690  -0.150  1.00 32.06 ? 55  GLU A CA  1 
ATOM   394 C  C   . GLU A 1 56 ? -1.822  10.750  -1.033  1.00 31.03 ? 55  GLU A C   1 
ATOM   395 O  O   . GLU A 1 56 ? -1.590  9.546   -1.049  1.00 30.24 ? 55  GLU A O   1 
ATOM   396 C  CB  . GLU A 1 56 ? 0.446   11.789  -0.639  1.00 31.70 ? 55  GLU A CB  1 
ATOM   397 C  CG  . GLU A 1 56 ? 0.619   12.537  -1.952  1.00 34.87 ? 55  GLU A CG  1 
ATOM   398 C  CD  . GLU A 1 56 ? 2.080   12.642  -2.397  1.00 35.27 ? 55  GLU A CD  1 
ATOM   399 O  OE1 . GLU A 1 56 ? 2.998   12.396  -1.567  1.00 38.70 ? 55  GLU A OE1 1 
ATOM   400 O  OE2 . GLU A 1 56 ? 2.304   12.983  -3.589  1.00 40.45 ? 55  GLU A OE2 1 
ATOM   401 N  N   . SER A 1 57 ? -2.798  11.304  -1.744  1.00 30.96 ? 56  SER A N   1 
ATOM   402 C  CA  . SER A 1 57 ? -3.632  10.536  -2.659  1.00 31.78 ? 56  SER A CA  1 
ATOM   403 C  C   . SER A 1 57 ? -2.784  9.734   -3.651  1.00 32.40 ? 56  SER A C   1 
ATOM   404 O  O   . SER A 1 57 ? -1.865  10.270  -4.261  1.00 32.14 ? 56  SER A O   1 
ATOM   405 C  CB  . SER A 1 57 ? -4.551  11.478  -3.429  1.00 31.83 ? 56  SER A CB  1 
ATOM   406 O  OG  . SER A 1 57 ? -5.315  10.755  -4.365  1.00 33.33 ? 56  SER A OG  1 
ATOM   407 N  N   . ALA A 1 58 ? -3.107  8.456   -3.803  1.00 32.67 ? 57  ALA A N   1 
ATOM   408 C  CA  . ALA A 1 58 ? -2.306  7.555   -4.612  1.00 33.76 ? 57  ALA A CA  1 
ATOM   409 C  C   . ALA A 1 58 ? -2.812  7.484   -6.054  1.00 34.34 ? 57  ALA A C   1 
ATOM   410 O  O   . ALA A 1 58 ? -2.070  7.107   -6.956  1.00 34.65 ? 57  ALA A O   1 
ATOM   411 C  CB  . ALA A 1 58 ? -2.275  6.177   -3.979  1.00 33.47 ? 57  ALA A CB  1 
ATOM   412 N  N   . GLU A 1 59 ? -4.068  7.871   -6.256  1.00 34.77 ? 58  GLU A N   1 
ATOM   413 C  CA  . GLU A 1 59 ? -4.725  7.820   -7.567  1.00 35.30 ? 58  GLU A CA  1 
ATOM   414 C  C   . GLU A 1 59 ? -3.878  8.368   -8.725  1.00 34.94 ? 58  GLU A C   1 
ATOM   415 O  O   . GLU A 1 59 ? -3.760  7.725   -9.775  1.00 35.13 ? 58  GLU A O   1 
ATOM   416 C  CB  . GLU A 1 59 ? -6.073  8.544   -7.502  1.00 35.63 ? 58  GLU A CB  1 
ATOM   417 C  CG  . GLU A 1 59 ? -6.635  8.965   -8.852  1.00 37.31 ? 58  GLU A CG  1 
ATOM   418 C  CD  . GLU A 1 59 ? -8.077  9.385   -8.763  1.00 39.12 ? 58  GLU A CD  1 
ATOM   419 O  OE1 . GLU A 1 59 ? -8.946  8.487   -8.776  1.00 40.17 ? 58  GLU A OE1 1 
ATOM   420 O  OE2 . GLU A 1 59 ? -8.339  10.606  -8.683  1.00 39.51 ? 58  GLU A OE2 1 
ATOM   421 N  N   . GLY A 1 60 ? -3.294  9.546   -8.534  1.00 34.35 ? 59  GLY A N   1 
ATOM   422 C  CA  . GLY A 1 60 ? -2.522  10.188  -9.594  1.00 33.38 ? 59  GLY A CA  1 
ATOM   423 C  C   . GLY A 1 60 ? -1.046  9.824   -9.635  1.00 32.51 ? 59  GLY A C   1 
ATOM   424 O  O   . GLY A 1 60 ? -0.305  10.353  -10.460 1.00 33.02 ? 59  GLY A O   1 
ATOM   425 N  N   . MET A 1 61 ? -0.614  8.912   -8.768  1.00 31.45 ? 60  MET A N   1 
ATOM   426 C  CA  . MET A 1 61 ? 0.798   8.533   -8.719  1.00 30.52 ? 60  MET A CA  1 
ATOM   427 C  C   . MET A 1 61 ? 1.198   7.582   -9.839  1.00 29.89 ? 60  MET A C   1 
ATOM   428 O  O   . MET A 1 61 ? 0.454   6.663   -10.187 1.00 29.46 ? 60  MET A O   1 
ATOM   429 C  CB  . MET A 1 61 ? 1.144   7.893   -7.374  1.00 30.70 ? 60  MET A CB  1 
ATOM   430 C  CG  . MET A 1 61 ? 1.004   8.825   -6.180  1.00 30.04 ? 60  MET A CG  1 
ATOM   431 S  SD  . MET A 1 61 ? 1.636   8.016   -4.727  1.00 31.12 ? 60  MET A SD  1 
ATOM   432 C  CE  . MET A 1 61 ? 1.206   9.220   -3.478  1.00 29.51 ? 60  MET A CE  1 
ATOM   433 N  N   . LEU A 1 62 ? 2.385   7.805   -10.392 1.00 29.21 ? 61  LEU A N   1 
ATOM   434 C  CA  . LEU A 1 62 ? 2.996   6.825   -11.282 1.00 28.91 ? 61  LEU A CA  1 
ATOM   435 C  C   . LEU A 1 62 ? 3.389   5.618   -10.439 1.00 29.19 ? 61  LEU A C   1 
ATOM   436 O  O   . LEU A 1 62 ? 3.597   5.735   -9.230  1.00 29.11 ? 61  LEU A O   1 
ATOM   437 C  CB  . LEU A 1 62 ? 4.232   7.407   -11.962 1.00 28.68 ? 61  LEU A CB  1 
ATOM   438 C  CG  . LEU A 1 62 ? 4.008   8.620   -12.865 1.00 28.19 ? 61  LEU A CG  1 
ATOM   439 C  CD1 . LEU A 1 62 ? 5.338   9.291   -13.186 1.00 28.07 ? 61  LEU A CD1 1 
ATOM   440 C  CD2 . LEU A 1 62 ? 3.239   8.254   -14.140 1.00 26.85 ? 61  LEU A CD2 1 
ATOM   441 N  N   . HIS A 1 63 ? 3.495   4.464   -11.083 1.00 29.13 ? 62  HIS A N   1 
ATOM   442 C  CA  . HIS A 1 63 ? 3.908   3.244   -10.405 1.00 29.72 ? 62  HIS A CA  1 
ATOM   443 C  C   . HIS A 1 63 ? 5.212   3.423   -9.616  1.00 29.27 ? 62  HIS A C   1 
ATOM   444 O  O   . HIS A 1 63 ? 5.272   3.077   -8.429  1.00 29.35 ? 62  HIS A O   1 
ATOM   445 C  CB  . HIS A 1 63 ? 4.059   2.112   -11.425 1.00 29.94 ? 62  HIS A CB  1 
ATOM   446 C  CG  . HIS A 1 63 ? 4.419   0.790   -10.818 1.00 31.13 ? 62  HIS A CG  1 
ATOM   447 N  ND1 . HIS A 1 63 ? 3.531   0.047   -10.071 1.00 33.02 ? 62  HIS A ND1 1 
ATOM   448 C  CD2 . HIS A 1 63 ? 5.571   0.081   -10.851 1.00 31.56 ? 62  HIS A CD2 1 
ATOM   449 C  CE1 . HIS A 1 63 ? 4.122   -1.064  -9.668  1.00 32.67 ? 62  HIS A CE1 1 
ATOM   450 N  NE2 . HIS A 1 63 ? 5.361   -1.065  -10.123 1.00 31.95 ? 62  HIS A NE2 1 
ATOM   451 N  N   . ALA A 1 64 ? 6.240   3.956   -10.281 1.00 29.33 ? 63  ALA A N   1 
ATOM   452 C  CA  . ALA A 1 64 ? 7.569   4.142   -9.683  1.00 29.30 ? 63  ALA A CA  1 
ATOM   453 C  C   . ALA A 1 64 ? 7.517   5.157   -8.552  1.00 29.53 ? 63  ALA A C   1 
ATOM   454 O  O   . ALA A 1 64 ? 8.274   5.052   -7.591  1.00 28.90 ? 63  ALA A O   1 
ATOM   455 C  CB  . ALA A 1 64 ? 8.579   4.575   -10.728 1.00 29.34 ? 63  ALA A CB  1 
ATOM   456 N  N   . GLU A 1 65 ? 6.622   6.134   -8.701  1.00 29.96 ? 64  GLU A N   1 
ATOM   457 C  CA  . GLU A 1 65 ? 6.359   7.168   -7.700  1.00 30.62 ? 64  GLU A CA  1 
ATOM   458 C  C   . GLU A 1 65 ? 5.786   6.572   -6.413  1.00 30.30 ? 64  GLU A C   1 
ATOM   459 O  O   . GLU A 1 65 ? 6.273   6.875   -5.324  1.00 30.17 ? 64  GLU A O   1 
ATOM   460 C  CB  . GLU A 1 65 ? 5.402   8.208   -8.289  1.00 30.67 ? 64  GLU A CB  1 
ATOM   461 C  CG  . GLU A 1 65 ? 5.129   9.421   -7.430  1.00 31.88 ? 64  GLU A CG  1 
ATOM   462 C  CD  . GLU A 1 65 ? 4.188   10.416  -8.109  1.00 32.42 ? 64  GLU A CD  1 
ATOM   463 O  OE1 . GLU A 1 65 ? 3.692   11.325  -7.403  1.00 35.51 ? 64  GLU A OE1 1 
ATOM   464 O  OE2 . GLU A 1 65 ? 3.935   10.282  -9.336  1.00 34.06 ? 64  GLU A OE2 1 
ATOM   465 N  N   . ALA A 1 66 ? 4.760   5.731   -6.547  1.00 30.20 ? 65  ALA A N   1 
ATOM   466 C  CA  . ALA A 1 66 ? 4.188   5.027   -5.399  1.00 30.44 ? 65  ALA A CA  1 
ATOM   467 C  C   . ALA A 1 66 ? 5.234   4.129   -4.723  1.00 30.71 ? 65  ALA A C   1 
ATOM   468 O  O   . ALA A 1 66 ? 5.343   4.114   -3.482  1.00 30.57 ? 65  ALA A O   1 
ATOM   469 C  CB  . ALA A 1 66 ? 2.967   4.231   -5.806  1.00 30.31 ? 65  ALA A CB  1 
ATOM   470 N  N   . GLN A 1 67 ? 6.002   3.400   -5.539  1.00 30.95 ? 66  GLN A N   1 
ATOM   471 C  CA  . GLN A 1 67 ? 7.051   2.518   -5.027  1.00 31.29 ? 66  GLN A CA  1 
ATOM   472 C  C   . GLN A 1 67 ? 8.064   3.312   -4.203  1.00 30.90 ? 66  GLN A C   1 
ATOM   473 O  O   . GLN A 1 67 ? 8.341   2.956   -3.059  1.00 31.01 ? 66  GLN A O   1 
ATOM   474 C  CB  . GLN A 1 67 ? 7.749   1.766   -6.162  1.00 31.10 ? 66  GLN A CB  1 
ATOM   475 C  CG  . GLN A 1 67 ? 6.903   0.694   -6.853  1.00 31.20 ? 66  GLN A CG  1 
ATOM   476 C  CD  . GLN A 1 67 ? 7.643   0.041   -8.013  1.00 32.10 ? 66  GLN A CD  1 
ATOM   477 O  OE1 . GLN A 1 67 ? 8.338   0.707   -8.782  1.00 33.15 ? 66  GLN A OE1 1 
ATOM   478 N  NE2 . GLN A 1 67 ? 7.484   -1.269  -8.151  1.00 32.29 ? 66  GLN A NE2 1 
ATOM   479 N  N   . SER A 1 68 ? 8.586   4.392   -4.786  1.00 30.94 ? 67  SER A N   1 
ATOM   480 C  CA  A SER A 1 68 ? 9.594   5.225   -4.126  0.50 30.81 ? 67  SER A CA  1 
ATOM   481 C  CA  B SER A 1 68 ? 9.591   5.223   -4.128  0.50 30.87 ? 67  SER A CA  1 
ATOM   482 C  C   . SER A 1 68 ? 9.066   5.805   -2.817  1.00 30.79 ? 67  SER A C   1 
ATOM   483 O  O   . SER A 1 68 ? 9.765   5.794   -1.806  1.00 31.37 ? 67  SER A O   1 
ATOM   484 C  CB  A SER A 1 68 ? 10.059  6.356   -5.045  0.50 30.74 ? 67  SER A CB  1 
ATOM   485 C  CB  B SER A 1 68 ? 10.048  6.347   -5.053  0.50 30.81 ? 67  SER A CB  1 
ATOM   486 O  OG  A SER A 1 68 ? 11.056  7.150   -4.417  0.50 30.16 ? 67  SER A OG  1 
ATOM   487 O  OG  B SER A 1 68 ? 10.777  5.829   -6.151  0.50 30.59 ? 67  SER A OG  1 
ATOM   488 N  N   . LYS A 1 69 ? 7.832   6.307   -2.834  1.00 31.05 ? 68  LYS A N   1 
ATOM   489 C  CA  . LYS A 1 69 ? 7.236   6.898   -1.633  1.00 31.09 ? 68  LYS A CA  1 
ATOM   490 C  C   . LYS A 1 69 ? 7.107   5.864   -0.515  1.00 31.27 ? 68  LYS A C   1 
ATOM   491 O  O   . LYS A 1 69 ? 7.376   6.173   0.638   1.00 31.68 ? 68  LYS A O   1 
ATOM   492 C  CB  . LYS A 1 69 ? 5.885   7.552   -1.922  1.00 30.62 ? 68  LYS A CB  1 
ATOM   493 C  CG  . LYS A 1 69 ? 6.002   8.867   -2.644  1.00 32.15 ? 68  LYS A CG  1 
ATOM   494 C  CD  . LYS A 1 69 ? 4.641   9.430   -3.009  1.00 32.98 ? 68  LYS A CD  1 
ATOM   495 C  CE  . LYS A 1 69 ? 4.773   10.615  -3.946  1.00 34.40 ? 68  LYS A CE  1 
ATOM   496 N  NZ  . LYS A 1 69 ? 5.505   11.754  -3.315  1.00 36.48 ? 68  LYS A NZ  1 
ATOM   497 N  N   . ILE A 1 70 ? 6.704   4.646   -0.868  1.00 31.34 ? 69  ILE A N   1 
ATOM   498 C  CA  . ILE A 1 70 ? 6.657   3.536   0.087   1.00 30.91 ? 69  ILE A CA  1 
ATOM   499 C  C   . ILE A 1 70 ? 8.067   3.161   0.580   1.00 30.87 ? 69  ILE A C   1 
ATOM   500 O  O   . ILE A 1 70 ? 8.305   3.095   1.793   1.00 30.15 ? 69  ILE A O   1 
ATOM   501 C  CB  . ILE A 1 70 ? 5.921   2.314   -0.501  1.00 30.91 ? 69  ILE A CB  1 
ATOM   502 C  CG1 . ILE A 1 70 ? 4.433   2.642   -0.677  1.00 30.29 ? 69  ILE A CG1 1 
ATOM   503 C  CG2 . ILE A 1 70 ? 6.093   1.089   0.414   1.00 31.18 ? 69  ILE A CG2 1 
ATOM   504 C  CD1 . ILE A 1 70 ? 3.683   1.657   -1.586  1.00 29.69 ? 69  ILE A CD1 1 
ATOM   505 N  N   . ARG A 1 71 ? 8.990   2.937   -0.359  1.00 31.13 ? 70  ARG A N   1 
ATOM   506 C  CA  . ARG A 1 71 ? 10.358  2.525   -0.031  1.00 31.74 ? 70  ARG A CA  1 
ATOM   507 C  C   . ARG A 1 71 ? 10.993  3.515   0.946   1.00 31.45 ? 70  ARG A C   1 
ATOM   508 O  O   . ARG A 1 71 ? 11.656  3.110   1.906   1.00 31.48 ? 70  ARG A O   1 
ATOM   509 C  CB  . ARG A 1 71 ? 11.233  2.384   -1.287  1.00 31.86 ? 70  ARG A CB  1 
ATOM   510 C  CG  A ARG A 1 71 ? 11.112  1.068   -2.048  0.50 32.43 ? 70  ARG A CG  1 
ATOM   511 C  CG  B ARG A 1 71 ? 10.965  1.097   -2.060  0.50 32.49 ? 70  ARG A CG  1 
ATOM   512 C  CD  A ARG A 1 71 ? 12.264  0.895   -3.060  0.50 32.27 ? 70  ARG A CD  1 
ATOM   513 C  CD  B ARG A 1 71 ? 12.164  0.674   -2.903  0.50 32.98 ? 70  ARG A CD  1 
ATOM   514 N  NE  A ARG A 1 71 ? 12.284  1.960   -4.066  0.50 33.29 ? 70  ARG A NE  1 
ATOM   515 N  NE  B ARG A 1 71 ? 12.020  -0.684  -3.431  0.50 33.26 ? 70  ARG A NE  1 
ATOM   516 C  CZ  A ARG A 1 71 ? 11.842  1.835   -5.315  0.50 33.66 ? 70  ARG A CZ  1 
ATOM   517 C  CZ  B ARG A 1 71 ? 11.710  -0.980  -4.693  0.50 34.00 ? 70  ARG A CZ  1 
ATOM   518 N  NH1 A ARG A 1 71 ? 11.363  0.675   -5.754  0.50 33.89 ? 70  ARG A NH1 1 
ATOM   519 N  NH1 B ARG A 1 71 ? 11.500  -0.014  -5.581  0.50 32.69 ? 70  ARG A NH1 1 
ATOM   520 N  NH2 A ARG A 1 71 ? 11.896  2.873   -6.136  0.50 34.79 ? 70  ARG A NH2 1 
ATOM   521 N  NH2 B ARG A 1 71 ? 11.612  -2.251  -5.072  0.50 33.88 ? 70  ARG A NH2 1 
ATOM   522 N  N   . GLN A 1 72 ? 10.755  4.807   0.713   1.00 31.02 ? 71  GLN A N   1 
ATOM   523 C  CA  . GLN A 1 72 ? 11.420  5.866   1.473   1.00 31.21 ? 71  GLN A CA  1 
ATOM   524 C  C   . GLN A 1 72 ? 10.572  6.449   2.603   1.00 30.00 ? 71  GLN A C   1 
ATOM   525 O  O   . GLN A 1 72 ? 10.984  7.420   3.235   1.00 29.71 ? 71  GLN A O   1 
ATOM   526 C  CB  . GLN A 1 72 ? 11.885  6.986   0.534   1.00 31.15 ? 71  GLN A CB  1 
ATOM   527 C  CG  . GLN A 1 72 ? 12.960  6.573   -0.465  1.00 32.98 ? 71  GLN A CG  1 
ATOM   528 C  CD  . GLN A 1 72 ? 13.311  7.684   -1.430  1.00 33.59 ? 71  GLN A CD  1 
ATOM   529 O  OE1 . GLN A 1 72 ? 12.434  8.271   -2.058  1.00 37.88 ? 71  GLN A OE1 1 
ATOM   530 N  NE2 . GLN A 1 72 ? 14.599  7.991   -1.543  1.00 37.78 ? 71  GLN A NE2 1 
ATOM   531 N  N   . SER A 1 73 ? 9.412   5.844   2.871   1.00 28.64 ? 72  SER A N   1 
ATOM   532 C  CA  . SER A 1 73 ? 8.488   6.328   3.901   1.00 28.06 ? 72  SER A CA  1 
ATOM   533 C  C   . SER A 1 73 ? 9.152   6.448   5.274   1.00 27.60 ? 72  SER A C   1 
ATOM   534 O  O   . SER A 1 73 ? 9.992   5.622   5.622   1.00 27.99 ? 72  SER A O   1 
ATOM   535 C  CB  . SER A 1 73 ? 7.278   5.393   4.026   1.00 27.33 ? 72  SER A CB  1 
ATOM   536 O  OG  . SER A 1 73 ? 6.414   5.778   5.088   1.00 27.15 ? 72  SER A OG  1 
ATOM   537 N  N   . PRO A 1 74 ? 8.763   7.474   6.055   1.00 28.07 ? 73  PRO A N   1 
ATOM   538 C  CA  . PRO A 1 74 ? 9.058   7.484   7.478   1.00 27.94 ? 73  PRO A CA  1 
ATOM   539 C  C   . PRO A 1 74 ? 8.386   6.283   8.162   1.00 27.61 ? 73  PRO A C   1 
ATOM   540 O  O   . PRO A 1 74 ? 7.522   5.626   7.567   1.00 27.40 ? 73  PRO A O   1 
ATOM   541 C  CB  . PRO A 1 74 ? 8.388   8.780   7.951   1.00 28.10 ? 73  PRO A CB  1 
ATOM   542 C  CG  . PRO A 1 74 ? 8.401   9.671   6.727   1.00 28.86 ? 73  PRO A CG  1 
ATOM   543 C  CD  . PRO A 1 74 ? 8.031   8.693   5.653   1.00 27.83 ? 73  PRO A CD  1 
ATOM   544 N  N   A SER A 1 75 ? 8.798   6.011   9.397   0.50 27.58 ? 74  SER A N   1 
ATOM   545 N  N   B SER A 1 75 ? 8.803   6.005   9.394   0.50 27.68 ? 74  SER A N   1 
ATOM   546 C  CA  A SER A 1 75 ? 8.156   5.003   10.237  0.50 27.44 ? 74  SER A CA  1 
ATOM   547 C  CA  B SER A 1 75 ? 8.146   5.003   10.225  0.50 27.67 ? 74  SER A CA  1 
ATOM   548 C  C   A SER A 1 75 ? 7.214   5.676   11.239  0.50 27.62 ? 74  SER A C   1 
ATOM   549 C  C   B SER A 1 75 ? 7.211   5.680   11.229  0.50 27.72 ? 74  SER A C   1 
ATOM   550 O  O   A SER A 1 75 ? 7.610   6.642   11.894  0.50 27.17 ? 74  SER A O   1 
ATOM   551 O  O   B SER A 1 75 ? 7.608   6.650   11.877  0.50 27.28 ? 74  SER A O   1 
ATOM   552 C  CB  A SER A 1 75 ? 9.214   4.178   10.975  0.50 27.60 ? 74  SER A CB  1 
ATOM   553 C  CB  B SER A 1 75 ? 9.182   4.153   10.965  0.50 27.89 ? 74  SER A CB  1 
ATOM   554 O  OG  A SER A 1 75 ? 10.006  3.445   10.059  0.50 27.45 ? 74  SER A OG  1 
ATOM   555 O  OG  B SER A 1 75 ? 8.536   3.183   11.768  0.50 28.64 ? 74  SER A OG  1 
ATOM   556 N  N   . PRO A 1 76 ? 5.964   5.181   11.354  1.00 27.94 ? 75  PRO A N   1 
ATOM   557 C  CA  . PRO A 1 76 ? 5.399   4.090   10.561  1.00 28.35 ? 75  PRO A CA  1 
ATOM   558 C  C   . PRO A 1 76 ? 4.938   4.541   9.169   1.00 29.04 ? 75  PRO A C   1 
ATOM   559 O  O   . PRO A 1 76 ? 4.700   5.740   8.943   1.00 28.51 ? 75  PRO A O   1 
ATOM   560 C  CB  . PRO A 1 76 ? 4.182   3.653   11.389  1.00 28.24 ? 75  PRO A CB  1 
ATOM   561 C  CG  . PRO A 1 76 ? 3.758   4.867   12.104  1.00 28.82 ? 75  PRO A CG  1 
ATOM   562 C  CD  . PRO A 1 76 ? 4.987   5.688   12.345  1.00 27.53 ? 75  PRO A CD  1 
ATOM   563 N  N   . LEU A 1 77 ? 4.853   3.585   8.252   1.00 29.41 ? 76  LEU A N   1 
ATOM   564 C  CA  . LEU A 1 77 ? 4.228   3.797   6.956   1.00 30.39 ? 76  LEU A CA  1 
ATOM   565 C  C   . LEU A 1 77 ? 2.720   3.786   7.154   1.00 30.89 ? 76  LEU A C   1 
ATOM   566 O  O   . LEU A 1 77 ? 2.180   2.821   7.697   1.00 31.11 ? 76  LEU A O   1 
ATOM   567 C  CB  . LEU A 1 77 ? 4.628   2.696   5.970   1.00 30.64 ? 76  LEU A CB  1 
ATOM   568 C  CG  . LEU A 1 77 ? 3.808   2.614   4.664   1.00 31.24 ? 76  LEU A CG  1 
ATOM   569 C  CD1 . LEU A 1 77 ? 4.058   3.824   3.745   1.00 30.86 ? 76  LEU A CD1 1 
ATOM   570 C  CD2 . LEU A 1 77 ? 4.078   1.305   3.941   1.00 31.01 ? 76  LEU A CD2 1 
ATOM   571 N  N   . ARG A 1 78 ? 2.053   4.863   6.740   1.00 30.71 ? 77  ARG A N   1 
ATOM   572 C  CA  . ARG A 1 78 ? 0.592   4.950   6.856   1.00 30.82 ? 77  ARG A CA  1 
ATOM   573 C  C   . ARG A 1 78 ? -0.096  4.782   5.518   1.00 30.64 ? 77  ARG A C   1 
ATOM   574 O  O   . ARG A 1 78 ? 0.108   5.567   4.594   1.00 30.10 ? 77  ARG A O   1 
ATOM   575 C  CB  . ARG A 1 78 ? 0.128   6.252   7.500   1.00 31.16 ? 77  ARG A CB  1 
ATOM   576 C  CG  . ARG A 1 78 ? -1.425  6.345   7.600   1.00 34.34 ? 77  ARG A CG  1 
ATOM   577 C  CD  . ARG A 1 78 ? -1.846  7.468   8.514   1.00 38.66 ? 77  ARG A CD  1 
ATOM   578 N  NE  . ARG A 1 78 ? -1.749  7.052   9.911   1.00 44.33 ? 77  ARG A NE  1 
ATOM   579 C  CZ  . ARG A 1 78 ? -2.733  7.137   10.802  1.00 46.44 ? 77  ARG A CZ  1 
ATOM   580 N  NH1 . ARG A 1 78 ? -2.526  6.720   12.041  1.00 48.77 ? 77  ARG A NH1 1 
ATOM   581 N  NH2 . ARG A 1 78 ? -3.916  7.649   10.471  1.00 48.53 ? 77  ARG A NH2 1 
ATOM   582 N  N   . LEU A 1 79 ? -0.920  3.745   5.432   1.00 30.04 ? 78  LEU A N   1 
ATOM   583 C  CA  . LEU A 1 79 ? -1.681  3.469   4.226   1.00 29.99 ? 78  LEU A CA  1 
ATOM   584 C  C   . LEU A 1 79 ? -3.169  3.552   4.473   1.00 29.85 ? 78  LEU A C   1 
ATOM   585 O  O   . LEU A 1 79 ? -3.689  3.000   5.453   1.00 30.19 ? 78  LEU A O   1 
ATOM   586 C  CB  . LEU A 1 79 ? -1.353  2.080   3.691   1.00 30.49 ? 78  LEU A CB  1 
ATOM   587 C  CG  . LEU A 1 79 ? 0.124   1.817   3.463   1.00 28.70 ? 78  LEU A CG  1 
ATOM   588 C  CD1 . LEU A 1 79 ? 0.302   0.346   3.062   1.00 31.10 ? 78  LEU A CD1 1 
ATOM   589 C  CD2 . LEU A 1 79 ? 0.657   2.757   2.381   1.00 31.21 ? 78  LEU A CD2 1 
ATOM   590 N  N   . GLN A 1 80 ? -3.851  4.253   3.578   1.00 29.50 ? 79  GLN A N   1 
ATOM   591 C  CA  A GLN A 1 80 ? -5.308  4.244   3.558   0.60 29.62 ? 79  GLN A CA  1 
ATOM   592 C  CA  B GLN A 1 80 ? -5.301  4.246   3.560   0.40 29.46 ? 79  GLN A CA  1 
ATOM   593 C  C   . GLN A 1 80 ? -5.706  3.303   2.437   1.00 29.66 ? 79  GLN A C   1 
ATOM   594 O  O   . GLN A 1 80 ? -5.229  3.435   1.311   1.00 29.20 ? 79  GLN A O   1 
ATOM   595 C  CB  A GLN A 1 80 ? -5.883  5.638   3.324   0.60 30.07 ? 79  GLN A CB  1 
ATOM   596 C  CB  B GLN A 1 80 ? -5.845  5.662   3.378   0.40 29.68 ? 79  GLN A CB  1 
ATOM   597 C  CG  A GLN A 1 80 ? -7.389  5.719   3.562   0.60 30.53 ? 79  GLN A CG  1 
ATOM   598 C  CG  B GLN A 1 80 ? -5.902  6.434   4.697   0.40 29.49 ? 79  GLN A CG  1 
ATOM   599 C  CD  A GLN A 1 80 ? -7.963  7.085   3.270   0.60 33.63 ? 79  GLN A CD  1 
ATOM   600 C  CD  B GLN A 1 80 ? -5.496  7.892   4.574   0.40 29.73 ? 79  GLN A CD  1 
ATOM   601 O  OE1 A GLN A 1 80 ? -7.320  8.105   3.518   0.60 34.95 ? 79  GLN A OE1 1 
ATOM   602 O  OE1 B GLN A 1 80 ? -6.079  8.657   3.801   0.40 30.02 ? 79  GLN A OE1 1 
ATOM   603 N  NE2 A GLN A 1 80 ? -9.184  7.114   2.743   0.60 33.53 ? 79  GLN A NE2 1 
ATOM   604 N  NE2 B GLN A 1 80 ? -4.504  8.289   5.359   0.40 29.17 ? 79  GLN A NE2 1 
ATOM   605 N  N   . LEU A 1 81 ? -6.558  2.340   2.761   1.00 29.00 ? 80  LEU A N   1 
ATOM   606 C  CA  . LEU A 1 81 ? -6.895  1.273   1.832   1.00 30.14 ? 80  LEU A CA  1 
ATOM   607 C  C   . LEU A 1 81 ? -8.376  1.200   1.532   1.00 30.26 ? 80  LEU A C   1 
ATOM   608 O  O   . LEU A 1 81 ? -9.219  1.629   2.331   1.00 29.78 ? 80  LEU A O   1 
ATOM   609 C  CB  . LEU A 1 81 ? -6.484  -0.077  2.421   1.00 29.62 ? 80  LEU A CB  1 
ATOM   610 C  CG  . LEU A 1 81 ? -5.093  -0.231  3.028   1.00 30.40 ? 80  LEU A CG  1 
ATOM   611 C  CD1 . LEU A 1 81 ? -5.092  -1.460  3.929   1.00 28.95 ? 80  LEU A CD1 1 
ATOM   612 C  CD2 . LEU A 1 81 ? -4.102  -0.341  1.877   1.00 30.10 ? 80  LEU A CD2 1 
ATOM   613 N  N   . ASP A 1 82 ? -8.665  0.643   0.359   1.00 30.73 ? 81  ASP A N   1 
ATOM   614 C  CA  A ASP A 1 82 ? -10.010 0.221   -0.004  0.50 31.20 ? 81  ASP A CA  1 
ATOM   615 C  CA  B ASP A 1 82 ? -10.007 0.228   0.013   0.50 31.16 ? 81  ASP A CA  1 
ATOM   616 C  C   . ASP A 1 82 ? -9.952  -1.287  -0.184  1.00 31.16 ? 81  ASP A C   1 
ATOM   617 O  O   . ASP A 1 82 ? -9.291  -1.786  -1.097  1.00 31.26 ? 81  ASP A O   1 
ATOM   618 C  CB  A ASP A 1 82 ? -10.468 0.883   -1.306  0.50 31.45 ? 81  ASP A CB  1 
ATOM   619 C  CB  B ASP A 1 82 ? -10.484 0.962   -1.243  0.50 31.35 ? 81  ASP A CB  1 
ATOM   620 C  CG  A ASP A 1 82 ? -11.248 2.165   -1.083  0.50 32.41 ? 81  ASP A CG  1 
ATOM   621 C  CG  B ASP A 1 82 ? -11.957 0.750   -1.527  0.50 32.19 ? 81  ASP A CG  1 
ATOM   622 O  OD1 A ASP A 1 82 ? -11.646 2.459   0.065   0.50 34.03 ? 81  ASP A OD1 1 
ATOM   623 O  OD1 B ASP A 1 82 ? -12.730 0.503   -0.578  0.50 34.15 ? 81  ASP A OD1 1 
ATOM   624 O  OD2 A ASP A 1 82 ? -11.481 2.883   -2.080  0.50 33.51 ? 81  ASP A OD2 1 
ATOM   625 O  OD2 B ASP A 1 82 ? -12.348 0.842   -2.709  0.50 33.78 ? 81  ASP A OD2 1 
ATOM   626 N  N   . ARG A 1 83 ? -10.601 -2.013  0.716   1.00 31.33 ? 82  ARG A N   1 
ATOM   627 C  CA  . ARG A 1 83 ? -10.604 -3.470  0.656   1.00 31.50 ? 82  ARG A CA  1 
ATOM   628 C  C   . ARG A 1 83 ? -11.894 -3.982  0.029   1.00 31.55 ? 82  ARG A C   1 
ATOM   629 O  O   . ARG A 1 83 ? -12.982 -3.765  0.561   1.00 31.27 ? 82  ARG A O   1 
ATOM   630 C  CB  . ARG A 1 83 ? -10.415 -4.063  2.054   1.00 31.81 ? 82  ARG A CB  1 
ATOM   631 C  CG  . ARG A 1 83 ? -10.329 -5.578  2.084   1.00 31.42 ? 82  ARG A CG  1 
ATOM   632 C  CD  . ARG A 1 83 ? -9.923  -6.066  3.459   1.00 31.50 ? 82  ARG A CD  1 
ATOM   633 N  NE  . ARG A 1 83 ? -8.504  -5.815  3.728   1.00 29.85 ? 82  ARG A NE  1 
ATOM   634 C  CZ  . ARG A 1 83 ? -7.929  -5.937  4.921   1.00 27.35 ? 82  ARG A CZ  1 
ATOM   635 N  NH1 . ARG A 1 83 ? -8.648  -6.292  5.985   1.00 28.32 ? 82  ARG A NH1 1 
ATOM   636 N  NH2 . ARG A 1 83 ? -6.636  -5.675  5.057   1.00 27.24 ? 82  ARG A NH2 1 
ATOM   637 N  N   . ILE A 1 84 ? -11.754 -4.648  -1.113  1.00 31.50 ? 83  ILE A N   1 
ATOM   638 C  CA  . ILE A 1 84 ? -12.875 -5.293  -1.789  1.00 31.74 ? 83  ILE A CA  1 
ATOM   639 C  C   . ILE A 1 84 ? -13.244 -6.563  -1.028  1.00 31.61 ? 83  ILE A C   1 
ATOM   640 O  O   . ILE A 1 84 ? -12.399 -7.423  -0.760  1.00 32.21 ? 83  ILE A O   1 
ATOM   641 C  CB  . ILE A 1 84 ? -12.576 -5.570  -3.285  1.00 31.90 ? 83  ILE A CB  1 
ATOM   642 C  CG1 . ILE A 1 84 ? -12.450 -4.250  -4.059  1.00 33.20 ? 83  ILE A CG1 1 
ATOM   643 C  CG2 . ILE A 1 84 ? -13.665 -6.439  -3.924  1.00 31.07 ? 83  ILE A CG2 1 
ATOM   644 N  N   . THR A 1 85 ? -14.520 -6.649  -0.686  1.00 30.95 ? 84  THR A N   1 
ATOM   645 C  CA  . THR A 1 85 ? -15.064 -7.733  0.108   1.00 30.61 ? 84  THR A CA  1 
ATOM   646 C  C   . THR A 1 85 ? -15.813 -8.765  -0.762  1.00 29.31 ? 84  THR A C   1 
ATOM   647 O  O   . THR A 1 85 ? -15.999 -9.915  -0.351  1.00 30.22 ? 84  THR A O   1 
ATOM   648 C  CB  . THR A 1 85 ? -16.006 -7.163  1.196   1.00 31.03 ? 84  THR A CB  1 
ATOM   649 O  OG1 . THR A 1 85 ? -16.961 -6.278  0.585   1.00 32.34 ? 84  THR A OG1 1 
ATOM   650 C  CG2 . THR A 1 85 ? -15.209 -6.384  2.250   1.00 31.88 ? 84  THR A CG2 1 
ATOM   651 N  N   . SER A 1 86 ? -16.246 -8.359  -1.955  1.00 27.52 ? 85  SER A N   1 
ATOM   652 C  CA  . SER A 1 86 ? -16.991 -9.250  -2.866  1.00 25.57 ? 85  SER A CA  1 
ATOM   653 C  C   . SER A 1 86 ? -16.098 -10.340 -3.463  1.00 24.24 ? 85  SER A C   1 
ATOM   654 O  O   . SER A 1 86 ? -14.917 -10.119 -3.715  1.00 23.60 ? 85  SER A O   1 
ATOM   655 C  CB  . SER A 1 86 ? -17.669 -8.432  -3.979  1.00 25.66 ? 85  SER A CB  1 
ATOM   656 O  OG  . SER A 1 86 ? -18.176 -9.245  -5.030  1.00 26.48 ? 85  SER A OG  1 
ATOM   657 N  N   . LEU A 1 87 ? -16.663 -11.528 -3.664  1.00 22.89 ? 86  LEU A N   1 
ATOM   658 C  CA  . LEU A 1 87 ? -16.003 -12.571 -4.448  1.00 22.68 ? 86  LEU A CA  1 
ATOM   659 C  C   . LEU A 1 87 ? -16.284 -12.267 -5.919  1.00 22.89 ? 86  LEU A C   1 
ATOM   660 O  O   . LEU A 1 87 ? -15.747 -12.886 -6.844  1.00 23.12 ? 86  LEU A O   1 
ATOM   661 C  CB  . LEU A 1 87 ? -16.533 -13.969 -4.060  1.00 21.80 ? 86  LEU A CB  1 
ATOM   662 C  CG  . LEU A 1 87 ? -16.557 -14.330 -2.562  1.00 21.58 ? 86  LEU A CG  1 
ATOM   663 C  CD1 . LEU A 1 87 ? -17.279 -15.654 -2.311  1.00 21.52 ? 86  LEU A CD1 1 
ATOM   664 C  CD2 . LEU A 1 87 ? -15.152 -14.346 -1.951  1.00 22.65 ? 86  LEU A CD2 1 
ATOM   665 O  OXT . LEU A 1 87 ? -17.108 -11.378 -6.218  1.00 23.32 ? 86  LEU A OXT 1 
HETATM 666 CL CL  . CL  B 2 .  ? -17.345 -5.012  -1.975  1.00 61.29 ? 201 CL  A CL  1 
HETATM 667 CL CL  . CL  C 2 .  ? -10.561 4.261   8.386   1.00 67.24 ? 202 CL  A CL  1 
HETATM 668 O  O   . HOH D 3 .  ? -7.394  -11.530 -0.509  1.00 52.40 ? 203 HOH A O   1 
HETATM 669 O  O   . HOH D 3 .  ? -3.521  14.188  -1.153  1.00 38.43 ? 204 HOH A O   1 
HETATM 670 O  O   . HOH D 3 .  ? -2.577  -10.080 6.173   1.00 38.68 ? 205 HOH A O   1 
HETATM 671 O  O   . HOH D 3 .  ? -2.304  7.487   4.062   1.00 16.73 ? 206 HOH A O   1 
HETATM 672 O  O   . HOH D 3 .  ? -7.678  6.122   11.677  1.00 57.39 ? 207 HOH A O   1 
HETATM 673 O  O   . HOH D 3 .  ? -7.899  -7.539  -0.171  1.00 26.75 ? 208 HOH A O   1 
HETATM 674 O  O   . HOH D 3 .  ? -1.113  -13.308 -3.356  1.00 45.83 ? 209 HOH A O   1 
HETATM 675 O  O   . HOH D 3 .  ? 4.888   8.236   7.573   1.00 26.72 ? 210 HOH A O   1 
HETATM 676 O  O   . HOH D 3 .  ? -10.016 4.189   1.987   1.00 40.89 ? 211 HOH A O   1 
HETATM 677 O  O   . HOH D 3 .  ? 11.712  3.882   4.490   1.00 25.91 ? 212 HOH A O   1 
HETATM 678 O  O   . HOH D 3 .  ? -4.515  -2.526  -9.964  1.00 40.48 ? 213 HOH A O   1 
HETATM 679 O  O   . HOH D 3 .  ? -6.363  8.051   -4.215  1.00 31.15 ? 214 HOH A O   1 
HETATM 680 O  O   . HOH D 3 .  ? 12.610  2.349   6.675   1.00 33.29 ? 215 HOH A O   1 
HETATM 681 O  O   . HOH D 3 .  ? -4.311  5.231   -11.044 1.00 45.29 ? 216 HOH A O   1 
HETATM 682 O  O   . HOH D 3 .  ? 3.705   -3.556  11.316  1.00 34.55 ? 217 HOH A O   1 
HETATM 683 O  O   . HOH D 3 .  ? 9.646   9.790   -3.138  1.00 42.76 ? 218 HOH A O   1 
HETATM 684 O  O   . HOH D 3 .  ? 0.991   -12.824 -0.817  1.00 39.34 ? 219 HOH A O   1 
HETATM 685 O  O   . HOH D 3 .  ? 8.973   -6.756  6.644   1.00 27.90 ? 220 HOH A O   1 
HETATM 686 O  O   . HOH D 3 .  ? 6.084   13.545  -0.350  1.00 56.26 ? 221 HOH A O   1 
HETATM 687 O  O   . HOH D 3 .  ? 2.520   11.845  -10.934 1.00 45.34 ? 222 HOH A O   1 
HETATM 688 O  O   . HOH D 3 .  ? -5.567  6.160   -13.071 1.00 51.59 ? 223 HOH A O   1 
HETATM 689 O  O   . HOH D 3 .  ? 8.033   -9.213  11.551  1.00 46.39 ? 224 HOH A O   1 
HETATM 690 O  O   . HOH D 3 .  ? 13.297  0.922   1.608   1.00 39.40 ? 225 HOH A O   1 
HETATM 691 O  O   . HOH D 3 .  ? 9.972   -8.980  2.194   1.00 51.40 ? 226 HOH A O   1 
HETATM 692 O  O   . HOH D 3 .  ? 4.755   -8.699  5.227   1.00 23.63 ? 227 HOH A O   1 
HETATM 693 O  O   . HOH D 3 .  ? 5.499   -5.199  12.704  1.00 44.24 ? 228 HOH A O   1 
HETATM 694 O  O   . HOH D 3 .  ? 5.253   10.614  6.179   1.00 20.65 ? 229 HOH A O   1 
HETATM 695 O  O   . HOH D 3 .  ? 10.500  -7.776  8.989   1.00 44.70 ? 230 HOH A O   1 
HETATM 696 O  O   . HOH D 3 .  ? 10.597  -1.384  -11.144 1.00 55.37 ? 231 HOH A O   1 
HETATM 697 O  O   . HOH D 3 .  ? -9.549  -9.741  2.298   1.00 44.81 ? 232 HOH A O   1 
HETATM 698 O  O   . HOH D 3 .  ? -15.956 1.659   5.064   1.00 31.80 ? 233 HOH A O   1 
HETATM 699 O  O   . HOH D 3 .  ? 6.370   4.496   -13.096 1.00 35.44 ? 234 HOH A O   1 
HETATM 700 O  O   . HOH D 3 .  ? 7.117   2.077   13.427  1.00 46.02 ? 235 HOH A O   1 
HETATM 701 O  O   . HOH D 3 .  ? -2.157  -11.003 3.872   1.00 53.53 ? 236 HOH A O   1 
HETATM 702 O  O   . HOH D 3 .  ? 8.692   1.069   -11.782 1.00 46.56 ? 237 HOH A O   1 
HETATM 703 O  O   . HOH D 3 .  ? -7.903  4.257   -6.374  1.00 52.56 ? 238 HOH A O   1 
HETATM 704 O  O   . HOH D 3 .  ? -4.927  3.702   -6.155  1.00 33.94 ? 239 HOH A O   1 
HETATM 705 O  O   . HOH D 3 .  ? -8.791  11.894  2.782   1.00 46.16 ? 240 HOH A O   1 
HETATM 706 O  O   . HOH D 3 .  ? -10.213 -8.839  0.104   1.00 49.00 ? 241 HOH A O   1 
HETATM 707 O  O   . HOH D 3 .  ? -4.700  13.780  6.438   1.00 50.22 ? 242 HOH A O   1 
HETATM 708 O  O   . HOH D 3 .  ? 8.068   7.113   -13.906 1.00 43.92 ? 243 HOH A O   1 
HETATM 709 O  O   . HOH D 3 .  ? 16.522  8.552   -3.924  1.00 56.20 ? 244 HOH A O   1 
HETATM 710 O  O   . HOH D 3 .  ? 15.197  3.553   -1.621  1.00 50.44 ? 245 HOH A O   1 
HETATM 711 O  O   . HOH D 3 .  ? 13.380  4.415   -3.731  1.00 37.56 ? 246 HOH A O   1 
HETATM 712 O  O   . HOH D 3 .  ? 7.804   8.666   1.370   1.00 19.81 ? 247 HOH A O   1 
HETATM 713 O  O   . HOH D 3 .  ? -3.803  2.736   12.923  1.00 49.93 ? 248 HOH A O   1 
HETATM 714 O  O   . HOH D 3 .  ? -2.730  -2.666  11.228  1.00 24.55 ? 249 HOH A O   1 
HETATM 715 O  O   . HOH D 3 .  ? 3.365   9.920   0.198   1.00 22.80 ? 250 HOH A O   1 
HETATM 716 O  O   . HOH D 3 .  ? 5.461   9.784   2.006   1.00 21.70 ? 251 HOH A O   1 
HETATM 717 O  O   . HOH D 3 .  ? -0.390  -2.170  12.480  1.00 36.17 ? 252 HOH A O   1 
HETATM 718 O  O   . HOH D 3 .  ? 9.421   10.083  -0.292  1.00 30.78 ? 253 HOH A O   1 
HETATM 719 O  O   . HOH D 3 .  ? 5.319   -15.225 1.486   1.00 47.11 ? 254 HOH A O   1 
HETATM 720 O  O   . HOH D 3 .  ? 2.594   9.309   8.051   1.00 42.23 ? 255 HOH A O   1 
HETATM 721 O  O   . HOH D 3 .  ? 3.280   -7.889  -8.420  1.00 50.17 ? 256 HOH A O   1 
HETATM 722 O  O   . HOH D 3 .  ? -6.086  5.215   13.579  1.00 46.35 ? 257 HOH A O   1 
HETATM 723 O  O   . HOH D 3 .  ? -15.887 -11.754 1.002   1.00 57.86 ? 258 HOH A O   1 
HETATM 724 O  O   . HOH D 3 .  ? -17.523 -13.574 1.229   1.00 30.21 ? 259 HOH A O   1 
HETATM 725 O  O   . HOH D 3 .  ? -14.395 1.613   7.362   1.00 40.32 ? 260 HOH A O   1 
HETATM 726 O  O   . HOH D 3 .  ? 1.649   -3.647  12.969  1.00 40.96 ? 261 HOH A O   1 
HETATM 727 O  O   . HOH D 3 .  ? -14.638 2.477   0.989   1.00 51.89 ? 262 HOH A O   1 
HETATM 728 O  O   . HOH D 3 .  ? 7.283   -11.606 -1.175  1.00 60.98 ? 263 HOH A O   1 
HETATM 729 O  O   . HOH D 3 .  ? -0.777  -1.406  15.007  1.00 36.64 ? 264 HOH A O   1 
HETATM 730 O  O   . HOH D 3 .  ? 8.061   -4.207  14.196  1.00 59.76 ? 265 HOH A O   1 
HETATM 731 O  O   . HOH D 3 .  ? -9.415  -5.772  -2.207  1.00 51.68 ? 266 HOH A O   1 
HETATM 732 O  O   . HOH D 3 .  ? -2.711  -0.150  11.910  1.00 27.14 ? 267 HOH A O   1 
HETATM 733 O  O   . HOH D 3 .  ? 9.563   -9.312  4.951   1.00 36.39 ? 268 HOH A O   1 
HETATM 734 O  O   . HOH D 3 .  ? 6.592   -9.256  -0.305  1.00 29.71 ? 269 HOH A O   1 
HETATM 735 O  O   . HOH D 3 .  ? -0.265  12.447  -6.430  1.00 56.22 ? 270 HOH A O   1 
HETATM 736 O  O   . HOH D 3 .  ? -3.866  11.745  -6.920  1.00 44.28 ? 271 HOH A O   1 
HETATM 737 O  O   . HOH D 3 .  ? 1.682   -10.729 13.649  1.00 45.86 ? 272 HOH A O   1 
HETATM 738 O  O   . HOH D 3 .  ? -1.145  13.779  -4.342  1.00 56.53 ? 273 HOH A O   1 
HETATM 739 O  O   . HOH D 3 .  ? -3.113  10.249  6.710   1.00 41.76 ? 274 HOH A O   1 
HETATM 740 O  O   . HOH D 3 .  ? -5.692  -10.778 -5.201  1.00 54.56 ? 275 HOH A O   1 
HETATM 741 O  O   . HOH D 3 .  ? -3.190  -10.122 -6.046  1.00 57.89 ? 276 HOH A O   1 
HETATM 742 O  O   . HOH D 3 .  ? 8.165   12.229  -1.307  1.00 57.47 ? 277 HOH A O   1 
HETATM 743 O  O   . HOH D 3 .  ? 2.171   16.312  0.700   1.00 55.97 ? 278 HOH A O   1 
HETATM 744 O  O   . HOH D 3 .  ? 3.580   14.269  0.185   1.00 54.15 ? 279 HOH A O   1 
HETATM 745 O  O   . HOH D 3 .  ? 5.166   13.812  -5.325  1.00 63.23 ? 280 HOH A O   1 
HETATM 746 O  O   . HOH D 3 .  ? 11.692  -1.106  0.754   1.00 47.11 ? 281 HOH A O   1 
HETATM 747 O  O   . HOH D 3 .  ? -10.108 2.677   -6.333  1.00 44.55 ? 282 HOH A O   1 
HETATM 748 O  O   . HOH D 3 .  ? -5.687  11.514  3.792   1.00 55.52 ? 283 HOH A O   1 
HETATM 749 O  O   . HOH D 3 .  ? 7.791   -14.668 1.773   1.00 54.31 ? 284 HOH A O   1 
HETATM 750 O  O   . HOH D 3 .  ? 7.984   -14.497 4.459   1.00 60.48 ? 285 HOH A O   1 
HETATM 751 O  O   . HOH D 3 .  ? -2.006  5.598   -9.185  1.00 55.98 ? 286 HOH A O   1 
HETATM 752 O  O   . HOH D 3 .  ? 1.053   -12.553 11.757  1.00 56.25 ? 287 HOH A O   1 
HETATM 753 O  O   . HOH D 3 .  ? 8.360   7.977   -10.923 1.00 55.15 ? 288 HOH A O   1 
HETATM 754 O  O   . HOH D 3 .  ? 9.916   8.415   -8.587  1.00 52.13 ? 289 HOH A O   1 
HETATM 755 O  O   . HOH D 3 .  ? 1.688   12.022  7.777   1.00 39.50 ? 290 HOH A O   1 
HETATM 756 O  O   . HOH D 3 .  ? -0.423  11.086  7.274   1.00 46.66 ? 291 HOH A O   1 
# 
